data_7ZDS
#
_entry.id   7ZDS
#
loop_
_entity.id
_entity.type
_entity.pdbx_description
1 polymer 'ATP-binding/permease protein CydC'
2 polymer 'ATP-binding/permease protein CydD'
#
loop_
_entity_poly.entity_id
_entity_poly.type
_entity_poly.pdbx_seq_one_letter_code
_entity_poly.pdbx_strand_id
1 'polypeptide(L)'
;MRALLPYLALYKRHKWMLSLGIVLAIVTLLASIGLLTLSGWFLSASAVAGVAGLYSFNYMLPAAGVRGAAITRTAGRYFE
RLVSHDATFRVLQHLRIYTFSKLLPLSPAGLARYRQGELLNRVVADVDTLDHLYLRVISPLVGAFVVIMVVTIGLSFLDF
TLAFTLGGIMLLTLFLMPPLFYRAGKSTGQNLTHLRGQYRQQLTAWLQGQAELTIFGASDRYRTQLENTEIQWLEAQRRQ
SELTALSQAIMLLIGALAVILMLWMASGGVGGNAQPGALIALFVFCALAAFEALAPVTGAFQHLGQVIASAVRISDLTDQ
KPEVTFPDTQTRVADRVSLTLRDVQFTYPEQSQQALKGISLQVNAGEHIAILGRTGCGKSTLLQQLTRAWDPQQGEILLN
DSPIASLNEAALRQTISVVPQRVHLFSATLRDNLLLASPGSSDEALSEILRRVGLEKLLEDAGLNSWLGEGGRQLSGGEL
RRLAIARALLHDAPLVLLDQPTEGLDATTESQILELLAEMMREKTVLMVTHRLRGLSRFQQIIVMDNGQIIEQGTHAELL
ARQGRYYQFKQGL
;
C
2 'polypeptide(L)'
;MNKSRQKELTRWLKQQSVISQRWLNISRLLGFVSGILIIAQAWFMARILQHMIMENIPREALLLPFTLLVLTFVLRAWVV
WLRERVGYHAGQHIRFAIRRQVLDRLQQAGPAWIQGKPAGSWATLVLEQIDDMHDYYARYLPQMALAVSVPLLIVVAIFP
SNWAAALILLGTAPLIPLFMALVGMGAADANRRNFLALARLSGHFLDRLRGMETLRIFGRGEAEIESIRSASEDFRQRTM
EVLRLAFLSSGILEFFTSLSIALVAVYFGFSYLGELDFGHYDTGVTLAAGFLALILAPEFFQPLRDLGTFYHAKAQAVGA
ADSLKTFMETPLAHPQRGEAELASTDPVTIEAEELFITSPEGKTLAGPLNFTLPAGQRAVLVGRSGSGKSSLLNALSGFL
SYQGSLRINGIELRDLSPESWRKHLSWVGQNPQLPAATLRDNVLLARPDASEQELQAALDNAWVSEFLPLLPQGVDTPVG
DQAARLSVGQAQRVAVARALLNPCSLLLLDEPAASLDAHSEQRVMEALNAASLRQTTLMVTHQLEDLADWDVIWVMQDGR
IIEQGRYAELSVAGGPFATLLAHRQEEI
;
D
#
# COMPACT_ATOMS: atom_id res chain seq x y z
N MET A 1 -7.38 7.13 -22.39
CA MET A 1 -8.64 7.83 -22.52
C MET A 1 -8.43 9.35 -22.49
N ARG A 2 -9.40 10.08 -21.97
CA ARG A 2 -9.32 11.52 -21.89
C ARG A 2 -9.11 12.02 -20.46
N ALA A 3 -9.15 11.12 -19.47
CA ALA A 3 -8.88 11.52 -18.09
C ALA A 3 -7.44 11.98 -17.93
N LEU A 4 -6.55 11.61 -18.84
CA LEU A 4 -5.14 11.95 -18.76
C LEU A 4 -4.83 13.33 -19.29
N LEU A 5 -5.83 14.05 -19.82
CA LEU A 5 -5.58 15.37 -20.38
C LEU A 5 -4.94 16.34 -19.39
N PRO A 6 -5.39 16.47 -18.14
CA PRO A 6 -4.69 17.37 -17.22
C PRO A 6 -3.28 16.91 -16.89
N TYR A 7 -3.02 15.60 -16.96
CA TYR A 7 -1.73 15.08 -16.50
C TYR A 7 -0.73 15.00 -17.65
N LEU A 8 -1.20 14.88 -18.88
CA LEU A 8 -0.30 14.92 -20.02
C LEU A 8 0.24 16.33 -20.24
N ALA A 9 -0.37 17.33 -19.60
CA ALA A 9 0.15 18.68 -19.67
C ALA A 9 1.30 18.87 -18.70
N LEU A 10 1.42 17.96 -17.72
CA LEU A 10 2.56 18.02 -16.81
C LEU A 10 3.78 17.33 -17.41
N TYR A 11 3.55 16.30 -18.24
CA TYR A 11 4.63 15.69 -18.97
C TYR A 11 5.20 16.63 -20.02
N LYS A 12 4.41 17.60 -20.48
CA LYS A 12 4.88 18.52 -21.49
C LYS A 12 5.87 19.54 -20.96
N ARG A 13 5.95 19.71 -19.64
CA ARG A 13 6.95 20.60 -19.07
C ARG A 13 8.35 20.11 -19.40
N HIS A 14 8.58 18.81 -19.28
CA HIS A 14 9.82 18.17 -19.70
C HIS A 14 9.49 17.29 -20.90
N LYS A 15 9.49 17.88 -22.09
CA LYS A 15 9.18 17.13 -23.30
C LYS A 15 10.41 16.81 -24.13
N TRP A 16 11.55 17.44 -23.87
CA TRP A 16 12.78 17.09 -24.56
C TRP A 16 13.57 16.03 -23.82
N MET A 17 13.25 15.78 -22.55
CA MET A 17 13.90 14.69 -21.83
C MET A 17 13.11 13.38 -22.01
N LEU A 18 11.79 13.48 -22.17
CA LEU A 18 10.99 12.30 -22.47
C LEU A 18 11.20 11.86 -23.91
N SER A 19 11.39 12.81 -24.83
CA SER A 19 11.65 12.45 -26.21
C SER A 19 13.03 11.84 -26.38
N LEU A 20 14.03 12.36 -25.65
CA LEU A 20 15.36 11.77 -25.69
C LEU A 20 15.37 10.37 -25.08
N GLY A 21 14.51 10.11 -24.09
CA GLY A 21 14.41 8.78 -23.52
C GLY A 21 13.65 7.80 -24.41
N ILE A 22 12.90 8.30 -25.37
CA ILE A 22 12.24 7.44 -26.35
C ILE A 22 13.12 7.23 -27.57
N VAL A 23 13.82 8.27 -28.02
CA VAL A 23 14.74 8.13 -29.14
C VAL A 23 15.84 7.13 -28.79
N LEU A 24 16.32 7.15 -27.55
CA LEU A 24 17.31 6.17 -27.13
C LEU A 24 16.71 4.77 -27.03
N ALA A 25 15.41 4.66 -26.77
CA ALA A 25 14.77 3.36 -26.79
C ALA A 25 14.62 2.83 -28.21
N ILE A 26 14.39 3.73 -29.17
CA ILE A 26 14.30 3.32 -30.57
C ILE A 26 15.68 2.93 -31.09
N VAL A 27 16.70 3.72 -30.74
CA VAL A 27 18.05 3.44 -31.23
C VAL A 27 18.56 2.11 -30.68
N THR A 28 18.30 1.84 -29.41
CA THR A 28 18.73 0.58 -28.82
C THR A 28 18.03 -0.60 -29.48
N LEU A 29 16.74 -0.47 -29.76
CA LEU A 29 16.01 -1.57 -30.40
C LEU A 29 16.41 -1.73 -31.85
N LEU A 30 16.73 -0.64 -32.54
CA LEU A 30 17.22 -0.75 -33.91
C LEU A 30 18.63 -1.31 -33.95
N ALA A 31 19.40 -1.12 -32.89
CA ALA A 31 20.75 -1.71 -32.82
C ALA A 31 20.68 -3.20 -32.52
N SER A 32 19.69 -3.62 -31.74
CA SER A 32 19.51 -5.04 -31.49
C SER A 32 19.04 -5.77 -32.74
N ILE A 33 18.07 -5.19 -33.45
CA ILE A 33 17.62 -5.76 -34.71
C ILE A 33 18.73 -5.73 -35.75
N GLY A 34 19.43 -4.59 -35.83
CA GLY A 34 20.47 -4.46 -36.84
C GLY A 34 21.65 -5.38 -36.59
N LEU A 35 22.00 -5.61 -35.33
CA LEU A 35 23.14 -6.46 -35.02
C LEU A 35 22.89 -7.89 -35.46
N LEU A 36 21.68 -8.41 -35.21
CA LEU A 36 21.38 -9.77 -35.63
C LEU A 36 21.09 -9.88 -37.12
N THR A 37 20.43 -8.87 -37.70
CA THR A 37 20.18 -8.88 -39.13
C THR A 37 21.49 -8.79 -39.92
N LEU A 38 22.40 -7.93 -39.49
CA LEU A 38 23.70 -7.85 -40.15
C LEU A 38 24.53 -9.10 -39.91
N SER A 39 24.45 -9.67 -38.71
CA SER A 39 25.15 -10.91 -38.43
C SER A 39 24.61 -12.06 -39.25
N GLY A 40 23.28 -12.13 -39.39
CA GLY A 40 22.69 -13.18 -40.21
C GLY A 40 23.07 -13.06 -41.67
N TRP A 41 23.14 -11.82 -42.18
CA TRP A 41 23.54 -11.62 -43.56
C TRP A 41 25.04 -11.84 -43.75
N PHE A 42 25.85 -11.40 -42.79
CA PHE A 42 27.29 -11.52 -42.91
C PHE A 42 27.72 -12.98 -43.00
N LEU A 43 27.09 -13.85 -42.19
CA LEU A 43 27.38 -15.27 -42.27
C LEU A 43 27.01 -15.84 -43.63
N SER A 44 25.86 -15.44 -44.16
CA SER A 44 25.41 -15.99 -45.44
C SER A 44 26.23 -15.45 -46.60
N ALA A 45 26.56 -14.14 -46.57
CA ALA A 45 27.31 -13.55 -47.66
C ALA A 45 28.72 -14.12 -47.76
N SER A 46 29.38 -14.30 -46.61
CA SER A 46 30.75 -14.80 -46.63
C SER A 46 30.80 -16.29 -46.96
N ALA A 47 29.83 -17.06 -46.45
CA ALA A 47 29.80 -18.48 -46.75
C ALA A 47 29.57 -18.74 -48.23
N VAL A 48 28.67 -17.96 -48.85
CA VAL A 48 28.44 -18.09 -50.29
C VAL A 48 29.70 -17.69 -51.05
N ALA A 49 30.32 -16.59 -50.65
CA ALA A 49 31.56 -16.16 -51.31
C ALA A 49 32.66 -17.20 -51.12
N GLY A 50 32.82 -17.71 -49.91
CA GLY A 50 33.78 -18.76 -49.65
C GLY A 50 35.21 -18.26 -49.72
N VAL A 51 36.13 -19.24 -49.73
CA VAL A 51 37.55 -18.92 -49.80
C VAL A 51 37.90 -18.30 -51.13
N ALA A 52 37.24 -18.74 -52.21
CA ALA A 52 37.56 -18.24 -53.55
C ALA A 52 37.32 -16.75 -53.66
N GLY A 53 36.22 -16.26 -53.08
CA GLY A 53 35.87 -14.86 -53.14
C GLY A 53 36.41 -14.01 -52.02
N LEU A 54 37.44 -14.49 -51.31
CA LEU A 54 37.99 -13.74 -50.18
C LEU A 54 38.38 -12.32 -50.58
N TYR A 55 39.14 -12.17 -51.66
CA TYR A 55 39.63 -10.85 -52.03
C TYR A 55 38.53 -10.00 -52.66
N SER A 56 37.60 -10.63 -53.38
CA SER A 56 36.50 -9.88 -53.97
C SER A 56 35.52 -9.41 -52.89
N PHE A 57 35.23 -10.26 -51.91
CA PHE A 57 34.31 -9.90 -50.84
C PHE A 57 34.96 -8.92 -49.88
N ASN A 58 34.29 -7.80 -49.65
CA ASN A 58 34.76 -6.77 -48.72
C ASN A 58 34.12 -7.02 -47.36
N TYR A 59 34.87 -7.68 -46.47
CA TYR A 59 34.38 -8.03 -45.14
C TYR A 59 34.63 -6.95 -44.10
N MET A 60 35.45 -5.94 -44.41
CA MET A 60 35.77 -4.93 -43.42
C MET A 60 34.55 -4.10 -43.05
N LEU A 61 33.74 -3.72 -44.04
CA LEU A 61 32.54 -2.93 -43.74
C LEU A 61 31.54 -3.69 -42.89
N PRO A 62 31.14 -4.93 -43.22
CA PRO A 62 30.23 -5.64 -42.32
C PRO A 62 30.83 -5.93 -40.96
N ALA A 63 32.16 -6.06 -40.88
CA ALA A 63 32.80 -6.29 -39.59
C ALA A 63 32.83 -5.03 -38.75
N ALA A 64 32.79 -3.86 -39.38
CA ALA A 64 32.68 -2.62 -38.64
C ALA A 64 31.24 -2.37 -38.21
N GLY A 65 30.27 -2.86 -38.98
CA GLY A 65 28.87 -2.71 -38.59
C GLY A 65 28.51 -3.50 -37.35
N VAL A 66 29.03 -4.73 -37.24
CA VAL A 66 28.73 -5.54 -36.06
C VAL A 66 29.40 -4.95 -34.83
N ARG A 67 30.58 -4.35 -34.98
CA ARG A 67 31.19 -3.66 -33.85
C ARG A 67 30.45 -2.37 -33.53
N GLY A 68 30.00 -1.65 -34.57
CA GLY A 68 29.24 -0.45 -34.33
C GLY A 68 27.87 -0.71 -33.73
N ALA A 69 27.20 -1.77 -34.19
CA ALA A 69 25.86 -2.08 -33.68
C ALA A 69 25.93 -2.68 -32.29
N ALA A 70 27.05 -3.30 -31.92
CA ALA A 70 27.17 -3.87 -30.59
C ALA A 70 27.40 -2.78 -29.54
N ILE A 71 28.19 -1.76 -29.90
CA ILE A 71 28.48 -0.69 -28.95
C ILE A 71 27.25 0.18 -28.70
N THR A 72 26.52 0.53 -29.76
CA THR A 72 25.33 1.35 -29.58
C THR A 72 24.18 0.58 -28.97
N ARG A 73 24.26 -0.75 -28.94
CA ARG A 73 23.27 -1.54 -28.23
C ARG A 73 23.48 -1.51 -26.72
N THR A 74 24.75 -1.50 -26.28
CA THR A 74 25.03 -1.54 -24.85
C THR A 74 25.03 -0.14 -24.25
N ALA A 75 25.67 0.81 -24.93
CA ALA A 75 25.64 2.19 -24.46
C ALA A 75 24.26 2.79 -24.62
N GLY A 76 23.54 2.40 -25.68
CA GLY A 76 22.20 2.94 -25.88
C GLY A 76 21.23 2.50 -24.81
N ARG A 77 21.33 1.26 -24.36
CA ARG A 77 20.42 0.79 -23.32
C ARG A 77 20.77 1.37 -21.96
N TYR A 78 22.06 1.59 -21.69
CA TYR A 78 22.45 2.22 -20.44
C TYR A 78 21.95 3.66 -20.38
N PHE A 79 22.06 4.40 -21.47
CA PHE A 79 21.63 5.79 -21.48
C PHE A 79 20.12 5.92 -21.67
N GLU A 80 19.47 4.91 -22.26
CA GLU A 80 18.02 4.93 -22.33
C GLU A 80 17.40 4.70 -20.95
N ARG A 81 18.03 3.85 -20.14
CA ARG A 81 17.55 3.63 -18.79
C ARG A 81 17.80 4.85 -17.92
N LEU A 82 18.90 5.57 -18.16
CA LEU A 82 19.21 6.75 -17.36
C LEU A 82 18.32 7.93 -17.73
N VAL A 83 18.18 8.19 -19.03
CA VAL A 83 17.43 9.37 -19.47
C VAL A 83 15.95 9.19 -19.19
N SER A 84 15.42 7.98 -19.38
CA SER A 84 13.99 7.78 -19.17
C SER A 84 13.64 7.75 -17.68
N HIS A 85 14.54 7.27 -16.84
CA HIS A 85 14.29 7.31 -15.40
C HIS A 85 14.48 8.71 -14.85
N ASP A 86 15.46 9.46 -15.39
CA ASP A 86 15.67 10.83 -14.95
C ASP A 86 14.48 11.71 -15.31
N ALA A 87 13.92 11.51 -16.50
CA ALA A 87 12.74 12.29 -16.90
C ALA A 87 11.51 11.87 -16.10
N THR A 88 11.45 10.61 -15.67
CA THR A 88 10.35 10.16 -14.82
C THR A 88 10.38 10.86 -13.47
N PHE A 89 11.57 11.06 -12.91
CA PHE A 89 11.66 11.71 -11.60
C PHE A 89 11.40 13.20 -11.70
N ARG A 90 11.67 13.82 -12.84
CA ARG A 90 11.37 15.25 -13.00
C ARG A 90 9.88 15.48 -13.08
N VAL A 91 9.15 14.64 -13.82
CA VAL A 91 7.71 14.75 -13.90
C VAL A 91 7.07 14.41 -12.55
N LEU A 92 7.70 13.51 -11.79
CA LEU A 92 7.17 13.18 -10.47
C LEU A 92 7.07 14.40 -9.58
N GLN A 93 8.02 15.32 -9.73
CA GLN A 93 8.04 16.57 -8.93
C GLN A 93 6.84 17.43 -9.34
N HIS A 94 6.49 17.45 -10.63
CA HIS A 94 5.37 18.25 -11.10
C HIS A 94 4.04 17.61 -10.74
N LEU A 95 3.98 16.27 -10.73
CA LEU A 95 2.75 15.60 -10.31
C LEU A 95 2.48 15.81 -8.83
N ARG A 96 3.52 15.84 -8.02
CA ARG A 96 3.34 16.01 -6.58
C ARG A 96 2.92 17.43 -6.24
N ILE A 97 3.57 18.42 -6.85
CA ILE A 97 3.19 19.82 -6.62
C ILE A 97 1.77 20.07 -7.11
N TYR A 98 1.43 19.55 -8.28
CA TYR A 98 0.08 19.73 -8.80
C TYR A 98 -0.96 19.09 -7.90
N THR A 99 -0.68 17.87 -7.43
CA THR A 99 -1.62 17.21 -6.52
C THR A 99 -1.74 17.96 -5.20
N PHE A 100 -0.62 18.43 -4.66
CA PHE A 100 -0.64 19.14 -3.39
C PHE A 100 -1.25 20.53 -3.51
N SER A 101 -1.06 21.20 -4.64
CA SER A 101 -1.67 22.51 -4.82
C SER A 101 -3.18 22.42 -4.95
N LYS A 102 -3.70 21.25 -5.33
CA LYS A 102 -5.14 21.08 -5.51
C LYS A 102 -5.84 20.58 -4.25
N LEU A 103 -5.21 19.65 -3.52
CA LEU A 103 -5.80 19.13 -2.30
C LEU A 103 -5.66 20.07 -1.12
N LEU A 104 -4.89 21.15 -1.27
CA LEU A 104 -4.67 22.05 -0.13
C LEU A 104 -5.84 23.00 0.10
N PRO A 105 -6.40 23.69 -0.90
CA PRO A 105 -7.52 24.59 -0.61
C PRO A 105 -8.77 23.87 -0.12
N LEU A 106 -8.83 22.55 -0.26
CA LEU A 106 -9.94 21.75 0.24
C LEU A 106 -9.49 20.78 1.34
N SER A 107 -8.46 21.16 2.09
CA SER A 107 -7.87 20.23 3.06
C SER A 107 -8.81 19.85 4.20
N PRO A 108 -9.48 20.77 4.90
CA PRO A 108 -10.34 20.31 6.00
C PRO A 108 -11.69 19.80 5.54
N ALA A 109 -12.27 20.41 4.52
CA ALA A 109 -13.65 20.15 4.12
C ALA A 109 -13.78 18.98 3.14
N GLY A 110 -13.14 19.06 1.98
CA GLY A 110 -13.36 18.07 0.95
C GLY A 110 -12.96 16.67 1.37
N LEU A 111 -11.86 16.55 2.11
CA LEU A 111 -11.36 15.25 2.53
C LEU A 111 -12.08 14.68 3.74
N ALA A 112 -12.97 15.46 4.36
CA ALA A 112 -13.71 14.96 5.52
C ALA A 112 -14.70 13.88 5.12
N ARG A 113 -15.29 13.99 3.92
CA ARG A 113 -16.28 13.01 3.49
C ARG A 113 -15.64 11.64 3.28
N TYR A 114 -14.41 11.59 2.80
CA TYR A 114 -13.67 10.34 2.74
C TYR A 114 -13.05 10.03 4.10
N ARG A 115 -12.35 8.90 4.17
CA ARG A 115 -11.61 8.54 5.37
C ARG A 115 -10.12 8.79 5.17
N GLN A 116 -9.50 9.47 6.13
CA GLN A 116 -8.13 9.94 5.97
C GLN A 116 -7.15 8.77 5.87
N GLY A 117 -7.52 7.61 6.41
CA GLY A 117 -6.60 6.48 6.40
C GLY A 117 -6.27 6.00 5.00
N GLU A 118 -7.30 5.54 4.26
CA GLU A 118 -7.04 5.01 2.93
C GLU A 118 -6.84 6.13 1.91
N LEU A 119 -7.54 7.26 2.09
CA LEU A 119 -7.49 8.32 1.10
C LEU A 119 -6.09 8.86 0.90
N LEU A 120 -5.36 9.06 2.00
CA LEU A 120 -4.04 9.68 1.90
C LEU A 120 -2.99 8.72 1.37
N ASN A 121 -3.21 7.42 1.62
CA ASN A 121 -2.30 6.35 1.15
C ASN A 121 -2.63 6.04 -0.32
N ARG A 122 -3.88 6.30 -0.73
CA ARG A 122 -4.28 6.09 -2.12
C ARG A 122 -3.74 7.18 -3.02
N VAL A 123 -3.73 8.44 -2.54
CA VAL A 123 -3.24 9.54 -3.35
C VAL A 123 -1.75 9.34 -3.65
N VAL A 124 -0.99 8.88 -2.67
CA VAL A 124 0.44 8.63 -2.88
C VAL A 124 0.64 7.47 -3.84
N ALA A 125 -0.22 6.46 -3.77
CA ALA A 125 -0.11 5.32 -4.67
C ALA A 125 -0.69 5.60 -6.05
N ASP A 126 -1.50 6.66 -6.19
CA ASP A 126 -2.00 7.04 -7.51
C ASP A 126 -1.09 8.05 -8.19
N VAL A 127 -0.45 8.93 -7.42
CA VAL A 127 0.57 9.80 -8.00
C VAL A 127 1.78 8.98 -8.43
N ASP A 128 2.11 7.94 -7.69
CA ASP A 128 3.25 7.10 -8.06
C ASP A 128 2.98 6.34 -9.35
N THR A 129 1.72 5.94 -9.57
CA THR A 129 1.39 5.19 -10.78
C THR A 129 0.93 6.07 -11.92
N LEU A 130 0.72 7.37 -11.69
CA LEU A 130 0.67 8.31 -12.80
C LEU A 130 2.05 8.63 -13.31
N ASP A 131 3.05 8.61 -12.42
CA ASP A 131 4.42 8.87 -12.79
C ASP A 131 4.98 7.79 -13.71
N HIS A 132 4.41 6.59 -13.69
CA HIS A 132 4.87 5.48 -14.50
C HIS A 132 4.07 5.34 -15.79
N LEU A 133 3.39 6.39 -16.23
CA LEU A 133 2.76 6.35 -17.54
C LEU A 133 3.81 6.34 -18.64
N TYR A 134 4.88 7.10 -18.46
CA TYR A 134 5.90 7.21 -19.50
C TYR A 134 6.69 5.91 -19.65
N LEU A 135 7.16 5.34 -18.54
CA LEU A 135 8.01 4.16 -18.63
C LEU A 135 7.20 2.92 -19.00
N ARG A 136 6.04 2.73 -18.39
CA ARG A 136 5.28 1.50 -18.59
C ARG A 136 4.52 1.52 -19.91
N VAL A 137 3.95 2.65 -20.29
CA VAL A 137 3.03 2.73 -21.41
C VAL A 137 3.66 3.43 -22.61
N ILE A 138 4.02 4.71 -22.46
CA ILE A 138 4.39 5.52 -23.63
C ILE A 138 5.68 5.02 -24.25
N SER A 139 6.70 4.79 -23.43
CA SER A 139 7.99 4.37 -23.98
C SER A 139 7.91 3.05 -24.74
N PRO A 140 7.25 2.00 -24.25
CA PRO A 140 7.16 0.77 -25.06
C PRO A 140 6.26 0.90 -26.27
N LEU A 141 5.18 1.69 -26.19
CA LEU A 141 4.25 1.80 -27.30
C LEU A 141 4.84 2.64 -28.43
N VAL A 142 5.47 3.76 -28.09
CA VAL A 142 6.01 4.63 -29.14
C VAL A 142 7.38 4.14 -29.61
N GLY A 143 8.15 3.51 -28.73
CA GLY A 143 9.40 2.92 -29.16
C GLY A 143 9.19 1.79 -30.14
N ALA A 144 8.17 0.97 -29.91
CA ALA A 144 7.87 -0.14 -30.83
C ALA A 144 7.38 0.37 -32.18
N PHE A 145 6.50 1.37 -32.16
CA PHE A 145 5.88 1.83 -33.41
C PHE A 145 6.92 2.40 -34.37
N VAL A 146 7.86 3.20 -33.86
CA VAL A 146 8.90 3.76 -34.72
C VAL A 146 9.85 2.66 -35.18
N VAL A 147 10.14 1.69 -34.31
CA VAL A 147 10.99 0.58 -34.70
C VAL A 147 10.34 -0.25 -35.80
N ILE A 148 9.03 -0.47 -35.70
CA ILE A 148 8.34 -1.22 -36.74
C ILE A 148 8.39 -0.46 -38.06
N MET A 149 8.23 0.85 -38.00
CA MET A 149 8.20 1.72 -39.21
C MET A 149 9.57 1.74 -39.88
N VAL A 150 10.65 1.92 -39.11
CA VAL A 150 11.99 2.01 -39.67
C VAL A 150 12.42 0.67 -40.25
N VAL A 151 12.08 -0.44 -39.57
CA VAL A 151 12.37 -1.76 -40.11
C VAL A 151 11.61 -1.96 -41.42
N THR A 152 10.32 -1.61 -41.44
CA THR A 152 9.53 -1.74 -42.65
C THR A 152 10.06 -0.87 -43.77
N ILE A 153 10.41 0.37 -43.46
CA ILE A 153 10.97 1.27 -44.47
C ILE A 153 12.32 0.74 -44.97
N GLY A 154 13.16 0.27 -44.04
CA GLY A 154 14.47 -0.21 -44.43
C GLY A 154 14.40 -1.44 -45.32
N LEU A 155 13.51 -2.37 -45.00
CA LEU A 155 13.39 -3.60 -45.79
C LEU A 155 12.65 -3.40 -47.09
N SER A 156 12.05 -2.23 -47.32
CA SER A 156 11.39 -1.96 -48.59
C SER A 156 12.37 -1.60 -49.69
N PHE A 157 13.64 -1.38 -49.36
CA PHE A 157 14.65 -1.15 -50.40
C PHE A 157 15.06 -2.47 -51.06
N LEU A 158 14.71 -3.60 -50.44
CA LEU A 158 15.02 -4.91 -51.01
C LEU A 158 13.80 -5.52 -51.69
N ASP A 159 12.70 -5.69 -50.97
CA ASP A 159 11.48 -6.22 -51.55
C ASP A 159 10.29 -5.55 -50.89
N PHE A 160 9.35 -5.07 -51.70
CA PHE A 160 8.19 -4.36 -51.17
C PHE A 160 7.17 -5.32 -50.57
N THR A 161 6.96 -6.48 -51.21
CA THR A 161 5.97 -7.43 -50.70
C THR A 161 6.47 -8.19 -49.48
N LEU A 162 7.77 -8.13 -49.20
CA LEU A 162 8.29 -8.79 -48.01
C LEU A 162 8.34 -7.85 -46.82
N ALA A 163 8.65 -6.57 -47.06
CA ALA A 163 8.69 -5.61 -45.97
C ALA A 163 7.30 -5.30 -45.44
N PHE A 164 6.27 -5.40 -46.29
CA PHE A 164 4.92 -5.10 -45.85
C PHE A 164 4.19 -6.31 -45.26
N THR A 165 4.77 -7.50 -45.33
CA THR A 165 4.23 -8.61 -44.57
C THR A 165 4.89 -8.74 -43.21
N LEU A 166 6.19 -8.51 -43.12
CA LEU A 166 6.84 -8.44 -41.82
C LEU A 166 6.42 -7.20 -41.06
N GLY A 167 6.40 -6.06 -41.74
CA GLY A 167 5.86 -4.85 -41.12
C GLY A 167 4.36 -4.94 -40.89
N GLY A 168 3.65 -5.57 -41.84
CA GLY A 168 2.22 -5.69 -41.69
C GLY A 168 1.80 -6.55 -40.51
N ILE A 169 2.46 -7.70 -40.34
CA ILE A 169 2.18 -8.55 -39.19
C ILE A 169 2.57 -7.84 -37.90
N MET A 170 3.73 -7.18 -37.90
CA MET A 170 4.22 -6.52 -36.70
C MET A 170 3.33 -5.35 -36.31
N LEU A 171 2.87 -4.57 -37.30
CA LEU A 171 1.95 -3.48 -37.00
C LEU A 171 0.57 -3.98 -36.62
N LEU A 172 0.14 -5.10 -37.19
CA LEU A 172 -1.20 -5.61 -36.91
C LEU A 172 -1.31 -6.26 -35.55
N THR A 173 -0.19 -6.44 -34.84
CA THR A 173 -0.21 -6.93 -33.47
C THR A 173 0.16 -5.86 -32.47
N LEU A 174 0.70 -4.73 -32.93
CA LEU A 174 0.90 -3.58 -32.07
C LEU A 174 -0.42 -2.86 -31.80
N PHE A 175 -1.34 -2.95 -32.76
CA PHE A 175 -2.64 -2.24 -32.64
C PHE A 175 -3.77 -3.21 -32.30
N LEU A 176 -3.57 -4.51 -32.47
CA LEU A 176 -4.68 -5.46 -32.19
C LEU A 176 -4.47 -6.21 -30.87
N MET A 177 -3.28 -6.77 -30.64
CA MET A 177 -3.09 -7.58 -29.40
C MET A 177 -3.28 -6.75 -28.13
N PRO A 178 -2.75 -5.51 -27.99
CA PRO A 178 -2.95 -4.76 -26.75
C PRO A 178 -4.43 -4.47 -26.44
N PRO A 179 -5.24 -3.94 -27.38
CA PRO A 179 -6.67 -3.72 -27.15
C PRO A 179 -7.49 -5.00 -26.98
N LEU A 180 -7.20 -6.04 -27.77
CA LEU A 180 -7.96 -7.31 -27.69
C LEU A 180 -7.68 -8.00 -26.36
N PHE A 181 -6.56 -7.67 -25.71
CA PHE A 181 -6.26 -8.27 -24.41
C PHE A 181 -6.63 -7.37 -23.25
N TYR A 182 -6.67 -6.06 -23.45
CA TYR A 182 -7.22 -5.16 -22.45
C TYR A 182 -8.74 -5.36 -22.33
N ARG A 183 -9.38 -5.62 -23.47
CA ARG A 183 -10.84 -5.84 -23.52
C ARG A 183 -11.15 -7.24 -22.97
N ALA A 184 -10.26 -8.21 -23.21
CA ALA A 184 -10.48 -9.58 -22.72
C ALA A 184 -10.29 -9.67 -21.22
N GLY A 185 -9.37 -8.88 -20.67
CA GLY A 185 -9.12 -8.85 -19.25
C GLY A 185 -9.65 -7.62 -18.53
N LYS A 186 -10.78 -7.07 -18.96
CA LYS A 186 -11.33 -5.90 -18.29
C LYS A 186 -12.24 -6.29 -17.15
N SER A 187 -13.04 -7.34 -17.33
CA SER A 187 -13.92 -7.82 -16.27
C SER A 187 -13.11 -8.31 -15.08
N THR A 188 -12.03 -9.08 -15.35
CA THR A 188 -11.18 -9.58 -14.28
C THR A 188 -10.52 -8.45 -13.52
N GLY A 189 -10.06 -7.41 -14.22
CA GLY A 189 -9.46 -6.27 -13.54
C GLY A 189 -10.42 -5.58 -12.60
N GLN A 190 -11.70 -5.49 -13.01
CA GLN A 190 -12.72 -4.95 -12.12
C GLN A 190 -13.04 -5.93 -11.01
N ASN A 191 -13.21 -7.20 -11.36
CA ASN A 191 -13.61 -8.21 -10.39
C ASN A 191 -12.52 -8.42 -9.34
N LEU A 192 -11.26 -8.41 -9.77
CA LEU A 192 -10.16 -8.65 -8.83
C LEU A 192 -10.04 -7.50 -7.83
N THR A 193 -10.19 -6.26 -8.29
CA THR A 193 -10.07 -5.12 -7.39
C THR A 193 -11.25 -5.04 -6.42
N HIS A 194 -12.44 -5.43 -6.88
CA HIS A 194 -13.58 -5.44 -5.99
C HIS A 194 -13.44 -6.53 -4.92
N LEU A 195 -12.94 -7.71 -5.31
CA LEU A 195 -12.80 -8.80 -4.36
C LEU A 195 -11.62 -8.58 -3.43
N ARG A 196 -10.63 -7.78 -3.83
CA ARG A 196 -9.51 -7.51 -2.92
C ARG A 196 -9.95 -6.62 -1.77
N GLY A 197 -10.72 -5.57 -2.06
CA GLY A 197 -11.22 -4.71 -1.01
C GLY A 197 -12.36 -5.33 -0.24
N GLN A 198 -13.03 -6.32 -0.82
CA GLN A 198 -14.06 -7.04 -0.09
C GLN A 198 -13.45 -7.98 0.94
N TYR A 199 -12.36 -8.66 0.56
CA TYR A 199 -11.63 -9.48 1.54
C TYR A 199 -10.99 -8.63 2.62
N ARG A 200 -10.58 -7.41 2.28
CA ARG A 200 -9.95 -6.54 3.28
C ARG A 200 -10.95 -6.09 4.33
N GLN A 201 -12.17 -5.73 3.91
CA GLN A 201 -13.17 -5.30 4.88
C GLN A 201 -13.78 -6.47 5.64
N GLN A 202 -13.79 -7.66 5.04
CA GLN A 202 -14.24 -8.83 5.77
C GLN A 202 -13.17 -9.32 6.74
N LEU A 203 -11.91 -9.02 6.47
CA LEU A 203 -10.84 -9.41 7.39
C LEU A 203 -10.70 -8.43 8.54
N THR A 204 -10.80 -7.14 8.25
CA THR A 204 -10.72 -6.13 9.31
C THR A 204 -11.89 -6.27 10.28
N ALA A 205 -13.09 -6.50 9.77
CA ALA A 205 -14.25 -6.71 10.64
C ALA A 205 -14.22 -8.07 11.32
N TRP A 206 -13.38 -8.99 10.85
CA TRP A 206 -13.18 -10.25 11.53
C TRP A 206 -12.14 -10.14 12.63
N LEU A 207 -11.13 -9.29 12.44
CA LEU A 207 -10.10 -9.09 13.45
C LEU A 207 -10.55 -8.10 14.52
N GLN A 208 -11.11 -6.96 14.10
CA GLN A 208 -11.57 -5.98 15.07
C GLN A 208 -12.76 -6.47 15.87
N GLY A 209 -13.55 -7.38 15.31
CA GLY A 209 -14.71 -7.90 16.01
C GLY A 209 -14.47 -9.28 16.57
N GLN A 210 -13.21 -9.64 16.81
CA GLN A 210 -12.90 -10.98 17.29
C GLN A 210 -13.35 -11.17 18.73
N ALA A 211 -13.43 -10.09 19.51
CA ALA A 211 -13.95 -10.20 20.86
C ALA A 211 -15.46 -10.43 20.86
N GLU A 212 -16.17 -9.77 19.95
CA GLU A 212 -17.62 -9.88 19.84
C GLU A 212 -18.06 -10.99 18.89
N LEU A 213 -17.14 -11.67 18.22
CA LEU A 213 -17.48 -12.82 17.42
C LEU A 213 -17.24 -14.13 18.17
N THR A 214 -16.19 -14.16 19.00
CA THR A 214 -15.86 -15.39 19.72
C THR A 214 -16.92 -15.75 20.74
N ILE A 215 -17.45 -14.76 21.45
CA ILE A 215 -18.42 -15.02 22.51
C ILE A 215 -19.70 -15.58 21.92
N PHE A 216 -20.18 -15.01 20.83
CA PHE A 216 -21.44 -15.42 20.23
C PHE A 216 -21.29 -16.54 19.22
N GLY A 217 -20.10 -17.11 19.07
CA GLY A 217 -19.91 -18.29 18.26
C GLY A 217 -19.86 -18.07 16.77
N ALA A 218 -19.82 -16.82 16.31
CA ALA A 218 -19.85 -16.56 14.88
C ALA A 218 -18.45 -16.48 14.29
N SER A 219 -17.43 -16.63 15.14
CA SER A 219 -16.01 -16.52 14.72
C SER A 219 -15.65 -17.58 13.69
N ASP A 220 -16.29 -18.76 13.74
CA ASP A 220 -16.02 -19.82 12.80
C ASP A 220 -16.75 -19.61 11.48
N ARG A 221 -18.00 -19.16 11.54
CA ARG A 221 -18.78 -19.02 10.31
C ARG A 221 -18.58 -17.65 9.68
N TYR A 222 -17.93 -16.73 10.38
CA TYR A 222 -17.54 -15.48 9.75
C TYR A 222 -16.14 -15.55 9.15
N ARG A 223 -15.38 -16.59 9.51
CA ARG A 223 -14.14 -16.91 8.81
C ARG A 223 -14.41 -17.78 7.59
N THR A 224 -15.44 -18.62 7.65
CA THR A 224 -15.77 -19.48 6.52
C THR A 224 -16.14 -18.65 5.30
N GLN A 225 -16.92 -17.58 5.48
CA GLN A 225 -17.19 -16.70 4.35
C GLN A 225 -16.02 -15.77 4.07
N LEU A 226 -15.10 -15.61 5.02
CA LEU A 226 -13.87 -14.88 4.74
C LEU A 226 -12.95 -15.71 3.85
N GLU A 227 -12.93 -17.03 4.05
CA GLU A 227 -12.12 -17.88 3.20
C GLU A 227 -12.80 -18.22 1.89
N ASN A 228 -14.11 -17.97 1.79
CA ASN A 228 -14.80 -18.13 0.50
C ASN A 228 -14.60 -16.90 -0.38
N THR A 229 -14.40 -15.74 0.23
CA THR A 229 -14.00 -14.56 -0.55
C THR A 229 -12.60 -14.75 -1.13
N GLU A 230 -11.68 -15.31 -0.35
CA GLU A 230 -10.34 -15.57 -0.85
C GLU A 230 -10.37 -16.58 -1.98
N ILE A 231 -11.21 -17.60 -1.87
CA ILE A 231 -11.34 -18.59 -2.94
C ILE A 231 -11.80 -17.92 -4.22
N GLN A 232 -12.80 -17.04 -4.11
CA GLN A 232 -13.23 -16.27 -5.27
C GLN A 232 -12.14 -15.29 -5.70
N TRP A 233 -11.44 -14.68 -4.75
CA TRP A 233 -10.40 -13.73 -5.09
C TRP A 233 -9.22 -14.43 -5.77
N LEU A 234 -8.86 -15.62 -5.30
CA LEU A 234 -7.76 -16.36 -5.91
C LEU A 234 -8.14 -16.90 -7.28
N GLU A 235 -9.43 -17.15 -7.51
CA GLU A 235 -9.87 -17.56 -8.84
C GLU A 235 -9.93 -16.40 -9.81
N ALA A 236 -9.96 -15.16 -9.32
CA ALA A 236 -9.88 -14.00 -10.18
C ALA A 236 -8.45 -13.50 -10.35
N GLN A 237 -7.49 -14.08 -9.65
CA GLN A 237 -6.08 -13.85 -9.92
C GLN A 237 -5.53 -14.86 -10.90
N ARG A 238 -6.03 -16.10 -10.86
CA ARG A 238 -5.66 -17.09 -11.85
C ARG A 238 -6.16 -16.70 -13.23
N ARG A 239 -7.40 -16.20 -13.32
CA ARG A 239 -7.94 -15.78 -14.60
C ARG A 239 -7.20 -14.56 -15.14
N GLN A 240 -6.49 -13.84 -14.28
CA GLN A 240 -5.63 -12.76 -14.77
C GLN A 240 -4.24 -13.26 -15.14
N SER A 241 -3.81 -14.37 -14.53
CA SER A 241 -2.57 -15.02 -14.92
C SER A 241 -2.75 -15.93 -16.12
N GLU A 242 -3.98 -16.19 -16.55
CA GLU A 242 -4.22 -16.91 -17.79
C GLU A 242 -4.37 -15.99 -18.99
N LEU A 243 -4.47 -14.68 -18.75
CA LEU A 243 -4.40 -13.72 -19.85
C LEU A 243 -2.98 -13.30 -20.12
N THR A 244 -2.10 -13.43 -19.12
CA THR A 244 -0.67 -13.22 -19.36
C THR A 244 -0.05 -14.44 -20.01
N ALA A 245 -0.55 -15.64 -19.69
CA ALA A 245 -0.11 -16.84 -20.38
C ALA A 245 -0.51 -16.81 -21.85
N LEU A 246 -1.74 -16.42 -22.13
CA LEU A 246 -2.21 -16.42 -23.51
C LEU A 246 -1.52 -15.33 -24.32
N SER A 247 -1.19 -14.20 -23.68
CA SER A 247 -0.54 -13.12 -24.41
C SER A 247 0.91 -13.44 -24.73
N GLN A 248 1.60 -14.17 -23.85
CA GLN A 248 2.96 -14.58 -24.14
C GLN A 248 3.02 -15.76 -25.10
N ALA A 249 2.04 -16.66 -25.05
CA ALA A 249 2.00 -17.76 -26.00
C ALA A 249 1.62 -17.27 -27.39
N ILE A 250 0.69 -16.33 -27.48
CA ILE A 250 0.27 -15.81 -28.78
C ILE A 250 1.37 -14.97 -29.40
N MET A 251 2.04 -14.13 -28.60
CA MET A 251 3.15 -13.34 -29.12
C MET A 251 4.30 -14.22 -29.59
N LEU A 252 4.41 -15.43 -29.04
CA LEU A 252 5.42 -16.37 -29.51
C LEU A 252 4.98 -17.05 -30.79
N LEU A 253 3.68 -17.18 -31.02
CA LEU A 253 3.17 -17.74 -32.27
C LEU A 253 3.18 -16.73 -33.40
N ILE A 254 2.94 -15.45 -33.11
CA ILE A 254 3.01 -14.43 -34.14
C ILE A 254 4.45 -14.19 -34.56
N GLY A 255 5.38 -14.17 -33.61
CA GLY A 255 6.78 -14.10 -33.96
C GLY A 255 7.29 -15.37 -34.61
N ALA A 256 6.50 -16.45 -34.56
CA ALA A 256 6.81 -17.66 -35.28
C ALA A 256 6.24 -17.63 -36.69
N LEU A 257 5.05 -17.03 -36.84
CA LEU A 257 4.46 -16.88 -38.16
C LEU A 257 5.32 -15.98 -39.05
N ALA A 258 5.85 -14.90 -38.48
CA ALA A 258 6.68 -13.99 -39.27
C ALA A 258 7.97 -14.65 -39.70
N VAL A 259 8.55 -15.49 -38.85
CA VAL A 259 9.78 -16.18 -39.21
C VAL A 259 9.51 -17.21 -40.30
N ILE A 260 8.43 -17.98 -40.15
CA ILE A 260 8.11 -19.02 -41.13
C ILE A 260 7.70 -18.40 -42.46
N LEU A 261 6.96 -17.28 -42.41
CA LEU A 261 6.62 -16.59 -43.65
C LEU A 261 7.85 -16.06 -44.36
N MET A 262 8.84 -15.56 -43.60
CA MET A 262 10.05 -15.06 -44.22
C MET A 262 10.90 -16.17 -44.80
N LEU A 263 10.92 -17.35 -44.18
CA LEU A 263 11.60 -18.49 -44.78
C LEU A 263 10.92 -18.92 -46.07
N TRP A 264 9.59 -18.90 -46.09
CA TRP A 264 8.87 -19.35 -47.28
C TRP A 264 8.87 -18.29 -48.37
N MET A 265 8.43 -17.07 -48.04
CA MET A 265 8.24 -16.06 -49.06
C MET A 265 9.58 -15.57 -49.62
N ALA A 266 10.55 -15.29 -48.76
CA ALA A 266 11.81 -14.72 -49.24
C ALA A 266 12.65 -15.73 -50.01
N SER A 267 12.44 -17.03 -49.77
CA SER A 267 13.16 -18.04 -50.55
C SER A 267 12.57 -18.15 -51.96
N GLY A 268 11.31 -17.77 -52.13
CA GLY A 268 10.74 -17.70 -53.46
C GLY A 268 11.43 -16.65 -54.31
N GLY A 269 11.76 -15.52 -53.71
CA GLY A 269 12.46 -14.46 -54.42
C GLY A 269 12.41 -13.18 -53.64
N VAL A 270 13.54 -12.48 -53.61
CA VAL A 270 13.68 -11.23 -52.90
C VAL A 270 14.00 -10.14 -53.90
N GLY A 271 13.06 -9.22 -54.12
CA GLY A 271 13.30 -8.10 -55.01
C GLY A 271 13.54 -8.51 -56.44
N GLY A 272 12.71 -9.39 -56.97
CA GLY A 272 12.87 -9.86 -58.34
C GLY A 272 14.17 -10.60 -58.57
N ASN A 273 14.53 -11.46 -57.63
CA ASN A 273 15.72 -12.28 -57.71
C ASN A 273 15.33 -13.74 -57.54
N ALA A 274 15.57 -14.54 -58.57
CA ALA A 274 15.20 -15.96 -58.51
C ALA A 274 15.96 -16.68 -57.40
N GLN A 275 17.25 -16.36 -57.25
CA GLN A 275 18.10 -17.01 -56.25
C GLN A 275 18.64 -15.93 -55.31
N PRO A 276 17.89 -15.54 -54.28
CA PRO A 276 18.35 -14.44 -53.41
C PRO A 276 19.67 -14.73 -52.70
N GLY A 277 19.89 -15.97 -52.30
CA GLY A 277 21.14 -16.29 -51.61
C GLY A 277 21.15 -15.71 -50.21
N ALA A 278 22.10 -14.82 -49.95
CA ALA A 278 22.29 -14.28 -48.61
C ALA A 278 21.15 -13.39 -48.15
N LEU A 279 20.25 -12.99 -49.05
CA LEU A 279 19.14 -12.12 -48.65
C LEU A 279 18.03 -12.87 -47.95
N ILE A 280 18.04 -14.20 -47.99
CA ILE A 280 17.04 -14.97 -47.23
C ILE A 280 17.26 -14.78 -45.74
N ALA A 281 18.52 -14.82 -45.30
CA ALA A 281 18.83 -14.69 -43.88
C ALA A 281 18.66 -13.27 -43.38
N LEU A 282 18.76 -12.27 -44.25
CA LEU A 282 18.54 -10.90 -43.82
C LEU A 282 17.09 -10.69 -43.38
N PHE A 283 16.15 -11.31 -44.09
CA PHE A 283 14.74 -11.19 -43.74
C PHE A 283 14.34 -12.15 -42.63
N VAL A 284 14.93 -13.34 -42.59
CA VAL A 284 14.60 -14.29 -41.53
C VAL A 284 15.13 -13.82 -40.19
N PHE A 285 16.35 -13.27 -40.18
CA PHE A 285 16.93 -12.79 -38.92
C PHE A 285 16.38 -11.43 -38.52
N CYS A 286 15.76 -10.70 -39.45
CA CYS A 286 15.04 -9.50 -39.04
C CYS A 286 13.74 -9.87 -38.34
N ALA A 287 13.03 -10.88 -38.84
CA ALA A 287 11.82 -11.34 -38.17
C ALA A 287 12.13 -11.95 -36.81
N LEU A 288 13.27 -12.63 -36.68
CA LEU A 288 13.66 -13.18 -35.38
C LEU A 288 13.91 -12.08 -34.38
N ALA A 289 14.63 -11.03 -34.78
CA ALA A 289 15.13 -10.03 -33.86
C ALA A 289 14.23 -8.82 -33.72
N ALA A 290 13.14 -8.73 -34.49
CA ALA A 290 12.29 -7.57 -34.42
C ALA A 290 11.12 -7.72 -33.46
N PHE A 291 10.97 -8.88 -32.83
CA PHE A 291 9.84 -9.13 -31.95
C PHE A 291 10.19 -9.00 -30.47
N GLU A 292 11.37 -8.50 -30.12
CA GLU A 292 11.54 -8.00 -28.77
C GLU A 292 11.17 -6.53 -28.65
N ALA A 293 10.91 -5.86 -29.77
CA ALA A 293 10.27 -4.55 -29.71
C ALA A 293 8.81 -4.68 -29.30
N LEU A 294 8.18 -5.81 -29.61
CA LEU A 294 6.80 -6.08 -29.27
C LEU A 294 6.67 -6.91 -28.00
N ALA A 295 7.76 -7.20 -27.31
CA ALA A 295 7.65 -7.89 -26.03
C ALA A 295 6.95 -7.02 -24.98
N PRO A 296 7.29 -5.74 -24.79
CA PRO A 296 6.59 -4.96 -23.75
C PRO A 296 5.19 -4.50 -24.13
N VAL A 297 4.76 -4.68 -25.39
CA VAL A 297 3.63 -3.91 -25.88
C VAL A 297 2.32 -4.34 -25.22
N THR A 298 2.13 -5.65 -25.03
CA THR A 298 0.82 -6.12 -24.56
C THR A 298 0.62 -5.88 -23.07
N GLY A 299 1.67 -5.97 -22.27
CA GLY A 299 1.58 -5.59 -20.87
C GLY A 299 1.60 -4.09 -20.65
N ALA A 300 1.93 -3.32 -21.70
CA ALA A 300 1.93 -1.87 -21.57
C ALA A 300 0.52 -1.31 -21.61
N PHE A 301 -0.36 -1.93 -22.39
CA PHE A 301 -1.71 -1.37 -22.56
C PHE A 301 -2.60 -1.66 -21.36
N GLN A 302 -2.42 -2.81 -20.70
CA GLN A 302 -3.12 -3.04 -19.45
C GLN A 302 -2.70 -2.03 -18.40
N HIS A 303 -1.42 -1.64 -18.41
CA HIS A 303 -0.95 -0.59 -17.52
C HIS A 303 -1.64 0.74 -17.81
N LEU A 304 -2.12 0.96 -19.03
CA LEU A 304 -2.84 2.19 -19.33
C LEU A 304 -4.16 2.23 -18.58
N GLY A 305 -4.81 1.08 -18.41
CA GLY A 305 -6.03 1.04 -17.63
C GLY A 305 -5.82 1.42 -16.18
N GLN A 306 -4.75 0.89 -15.58
CA GLN A 306 -4.43 1.24 -14.20
C GLN A 306 -4.10 2.72 -14.08
N VAL A 307 -3.42 3.28 -15.08
CA VAL A 307 -3.15 4.71 -15.07
C VAL A 307 -4.44 5.50 -15.30
N ILE A 308 -5.33 5.00 -16.16
CA ILE A 308 -6.65 5.61 -16.30
C ILE A 308 -7.41 5.52 -15.00
N ALA A 309 -7.34 4.36 -14.33
CA ALA A 309 -8.00 4.21 -13.03
C ALA A 309 -7.53 5.30 -12.06
N SER A 310 -6.23 5.44 -11.92
CA SER A 310 -5.67 6.41 -10.97
C SER A 310 -5.69 7.84 -11.49
N ALA A 311 -5.94 8.05 -12.78
CA ALA A 311 -6.03 9.41 -13.30
C ALA A 311 -7.39 10.03 -13.08
N VAL A 312 -8.40 9.23 -12.71
CA VAL A 312 -9.73 9.76 -12.47
C VAL A 312 -10.01 9.74 -10.98
N ARG A 313 -9.39 8.81 -10.25
CA ARG A 313 -9.49 8.81 -8.79
C ARG A 313 -8.83 10.03 -8.17
N ILE A 314 -7.97 10.73 -8.92
CA ILE A 314 -7.41 11.99 -8.46
C ILE A 314 -8.07 13.19 -9.13
N SER A 315 -8.48 13.06 -10.40
CA SER A 315 -9.04 14.19 -11.12
C SER A 315 -10.47 14.52 -10.71
N ASP A 316 -11.12 13.66 -9.95
CA ASP A 316 -12.37 14.06 -9.30
C ASP A 316 -12.11 14.50 -7.86
N LEU A 317 -11.07 13.95 -7.24
CA LEU A 317 -10.71 14.35 -5.89
C LEU A 317 -10.13 15.77 -5.86
N THR A 318 -9.38 16.14 -6.90
CA THR A 318 -8.78 17.46 -6.96
C THR A 318 -9.61 18.48 -7.72
N ASP A 319 -10.76 18.09 -8.25
CA ASP A 319 -11.61 19.02 -8.98
C ASP A 319 -12.88 19.39 -8.24
N GLN A 320 -13.13 18.84 -7.06
CA GLN A 320 -14.24 19.29 -6.25
C GLN A 320 -13.93 20.68 -5.70
N LYS A 321 -14.92 21.56 -5.72
CA LYS A 321 -14.68 22.96 -5.42
C LYS A 321 -14.33 23.17 -3.95
N PRO A 322 -13.50 24.17 -3.65
CA PRO A 322 -13.25 24.51 -2.24
C PRO A 322 -14.53 24.95 -1.56
N GLU A 323 -14.64 24.60 -0.28
CA GLU A 323 -15.82 25.00 0.49
C GLU A 323 -15.89 26.51 0.64
N VAL A 324 -14.76 27.17 0.84
CA VAL A 324 -14.71 28.60 1.08
C VAL A 324 -13.75 29.25 0.10
N THR A 325 -13.99 30.54 -0.17
CA THR A 325 -13.16 31.34 -1.05
C THR A 325 -12.69 32.58 -0.32
N PHE A 326 -11.42 32.93 -0.51
CA PHE A 326 -10.81 34.03 0.22
C PHE A 326 -10.57 35.21 -0.71
N PRO A 327 -11.32 36.31 -0.56
CA PRO A 327 -11.07 37.48 -1.41
C PRO A 327 -9.77 38.16 -1.03
N ASP A 328 -8.98 38.52 -2.04
CA ASP A 328 -7.66 39.12 -1.83
C ASP A 328 -7.78 40.63 -1.67
N THR A 329 -8.44 41.03 -0.59
CA THR A 329 -8.61 42.45 -0.29
C THR A 329 -7.33 43.11 0.20
N GLN A 330 -6.28 42.33 0.49
CA GLN A 330 -5.01 42.86 0.97
C GLN A 330 -5.18 43.69 2.24
N THR A 331 -5.90 43.14 3.21
CA THR A 331 -6.06 43.79 4.50
C THR A 331 -4.83 43.60 5.36
N ARG A 332 -4.75 44.38 6.45
CA ARG A 332 -3.61 44.31 7.40
C ARG A 332 -4.13 43.85 8.76
N VAL A 333 -3.46 42.86 9.36
CA VAL A 333 -3.88 42.32 10.65
C VAL A 333 -3.73 43.40 11.72
N ALA A 334 -4.76 43.51 12.57
CA ALA A 334 -4.72 44.48 13.65
C ALA A 334 -4.01 43.91 14.87
N ASP A 335 -3.63 44.80 15.79
CA ASP A 335 -2.95 44.37 17.01
C ASP A 335 -3.91 43.75 18.02
N ARG A 336 -5.21 44.02 17.90
CA ARG A 336 -6.21 43.44 18.78
C ARG A 336 -7.27 42.73 17.97
N VAL A 337 -8.10 41.94 18.64
CA VAL A 337 -9.04 41.05 17.97
C VAL A 337 -10.49 41.50 18.15
N SER A 338 -10.99 41.47 19.38
CA SER A 338 -12.39 41.77 19.66
C SER A 338 -13.31 40.90 18.80
N LEU A 339 -13.15 39.59 18.92
CA LEU A 339 -13.97 38.65 18.16
C LEU A 339 -15.43 38.77 18.57
N THR A 340 -16.31 38.85 17.58
CA THR A 340 -17.76 38.88 17.84
C THR A 340 -18.48 38.14 16.73
N LEU A 341 -19.36 37.23 17.12
CA LEU A 341 -20.20 36.48 16.18
C LEU A 341 -21.65 36.66 16.63
N ARG A 342 -22.39 37.48 15.89
CA ARG A 342 -23.78 37.85 16.25
C ARG A 342 -24.69 36.62 16.30
N ASP A 343 -24.61 35.75 15.31
CA ASP A 343 -25.48 34.59 15.22
C ASP A 343 -24.88 33.62 14.22
N VAL A 344 -24.75 32.35 14.62
CA VAL A 344 -24.14 31.31 13.71
C VAL A 344 -24.93 30.01 13.81
N GLN A 345 -25.77 29.74 12.82
CA GLN A 345 -26.56 28.51 12.73
C GLN A 345 -26.03 27.70 11.56
N PHE A 346 -25.19 26.70 11.85
CA PHE A 346 -24.46 25.97 10.83
C PHE A 346 -24.76 24.49 10.95
N THR A 347 -24.85 23.82 9.80
CA THR A 347 -25.16 22.40 9.72
C THR A 347 -24.18 21.70 8.80
N TYR A 348 -23.74 20.51 9.22
CA TYR A 348 -22.81 19.71 8.44
C TYR A 348 -23.46 19.29 7.12
N PRO A 349 -22.64 18.92 6.12
CA PRO A 349 -23.20 18.34 4.90
C PRO A 349 -23.63 16.89 5.13
N GLU A 350 -24.80 16.53 4.59
CA GLU A 350 -25.37 15.19 4.75
C GLU A 350 -25.54 14.84 6.23
N GLN A 351 -25.98 15.81 7.03
CA GLN A 351 -26.24 15.61 8.44
C GLN A 351 -27.36 16.55 8.87
N SER A 352 -28.31 16.00 9.65
CA SER A 352 -29.46 16.79 10.15
C SER A 352 -29.18 17.22 11.60
N GLN A 353 -27.96 16.96 12.08
CA GLN A 353 -27.56 17.30 13.46
C GLN A 353 -27.64 18.82 13.65
N GLN A 354 -27.17 19.60 12.66
CA GLN A 354 -27.18 21.08 12.75
C GLN A 354 -26.54 21.48 14.08
N ALA A 355 -25.25 21.17 14.27
CA ALA A 355 -24.58 21.34 15.58
C ALA A 355 -24.74 22.75 16.13
N LEU A 356 -24.65 23.80 15.32
CA LEU A 356 -24.84 25.17 15.88
C LEU A 356 -26.31 25.61 15.72
N LYS A 357 -27.06 25.65 16.83
CA LYS A 357 -28.46 26.08 16.80
C LYS A 357 -28.56 27.60 16.87
N GLY A 358 -27.65 28.32 16.22
CA GLY A 358 -27.73 29.77 16.24
C GLY A 358 -27.23 30.39 17.52
N ILE A 359 -25.95 30.22 17.83
CA ILE A 359 -25.39 30.73 19.08
C ILE A 359 -24.92 32.16 18.90
N SER A 360 -24.68 32.85 20.01
CA SER A 360 -24.22 34.23 19.99
C SER A 360 -23.35 34.50 21.21
N LEU A 361 -22.24 35.19 20.99
CA LEU A 361 -21.36 35.60 22.08
C LEU A 361 -20.41 36.68 21.55
N GLN A 362 -19.94 37.54 22.45
CA GLN A 362 -19.07 38.66 22.08
C GLN A 362 -17.81 38.58 22.93
N VAL A 363 -16.65 38.74 22.29
CA VAL A 363 -15.36 38.66 22.95
C VAL A 363 -14.65 40.00 22.75
N ASN A 364 -14.23 40.61 23.86
CA ASN A 364 -13.45 41.83 23.76
C ASN A 364 -11.97 41.51 23.69
N ALA A 365 -11.18 42.48 23.24
CA ALA A 365 -9.74 42.30 23.11
C ALA A 365 -9.11 42.08 24.48
N GLY A 366 -8.27 41.06 24.57
CA GLY A 366 -7.61 40.72 25.82
C GLY A 366 -8.37 39.76 26.70
N GLU A 367 -9.61 39.41 26.36
CA GLU A 367 -10.40 38.51 27.18
C GLU A 367 -9.91 37.08 27.01
N HIS A 368 -10.42 36.20 27.88
CA HIS A 368 -9.95 34.81 27.97
C HIS A 368 -11.15 33.88 28.05
N ILE A 369 -12.08 34.02 27.10
CA ILE A 369 -13.24 33.14 27.04
C ILE A 369 -12.81 31.69 27.14
N ALA A 370 -13.60 30.88 27.84
CA ALA A 370 -13.33 29.45 28.01
C ALA A 370 -14.65 28.70 27.83
N ILE A 371 -14.93 28.30 26.60
CA ILE A 371 -16.16 27.58 26.31
C ILE A 371 -16.09 26.19 26.90
N LEU A 372 -17.15 25.80 27.61
CA LEU A 372 -17.22 24.48 28.23
C LEU A 372 -18.44 23.75 27.69
N GLY A 373 -18.25 22.49 27.32
CA GLY A 373 -19.35 21.66 26.88
C GLY A 373 -18.90 20.22 26.81
N ARG A 374 -19.80 19.32 27.20
CA ARG A 374 -19.43 17.92 27.21
C ARG A 374 -19.29 17.40 25.78
N THR A 375 -18.80 16.16 25.67
CA THR A 375 -18.52 15.59 24.36
C THR A 375 -19.79 15.51 23.52
N GLY A 376 -19.64 15.77 22.22
CA GLY A 376 -20.76 15.79 21.30
C GLY A 376 -21.51 17.09 21.22
N CYS A 377 -21.09 18.12 21.97
CA CYS A 377 -21.74 19.41 21.97
C CYS A 377 -21.52 20.18 20.67
N GLY A 378 -20.59 19.75 19.83
CA GLY A 378 -20.22 20.55 18.67
C GLY A 378 -19.54 21.85 19.06
N LYS A 379 -18.78 21.83 20.16
CA LYS A 379 -18.04 23.01 20.57
C LYS A 379 -16.82 23.25 19.69
N SER A 380 -16.19 22.16 19.23
CA SER A 380 -15.06 22.29 18.32
C SER A 380 -15.52 22.81 16.96
N THR A 381 -16.77 22.54 16.60
CA THR A 381 -17.32 23.09 15.36
C THR A 381 -17.26 24.60 15.37
N LEU A 382 -17.37 25.21 16.55
CA LEU A 382 -17.19 26.66 16.66
C LEU A 382 -15.80 27.09 16.22
N LEU A 383 -14.78 26.30 16.58
CA LEU A 383 -13.42 26.64 16.18
C LEU A 383 -13.16 26.39 14.71
N GLN A 384 -14.02 25.61 14.05
CA GLN A 384 -13.89 25.43 12.61
C GLN A 384 -14.32 26.66 11.84
N GLN A 385 -15.42 27.29 12.25
CA GLN A 385 -15.89 28.50 11.59
C GLN A 385 -14.92 29.66 11.78
N LEU A 386 -14.20 29.70 12.90
CA LEU A 386 -13.30 30.81 13.15
C LEU A 386 -12.06 30.73 12.30
N THR A 387 -11.61 29.52 11.97
CA THR A 387 -10.53 29.33 10.99
C THR A 387 -11.07 29.11 9.59
N ARG A 388 -12.40 29.14 9.41
CA ARG A 388 -13.04 29.12 8.10
C ARG A 388 -12.84 27.79 7.39
N ALA A 389 -12.81 26.70 8.16
CA ALA A 389 -12.88 25.37 7.55
C ALA A 389 -14.21 25.18 6.84
N TRP A 390 -15.30 25.63 7.47
CA TRP A 390 -16.62 25.69 6.87
C TRP A 390 -17.18 27.08 7.09
N ASP A 391 -17.83 27.62 6.09
CA ASP A 391 -18.50 28.88 6.35
C ASP A 391 -19.95 28.63 6.75
N PRO A 392 -20.48 29.34 7.73
CA PRO A 392 -21.86 29.06 8.17
C PRO A 392 -22.87 29.63 7.20
N GLN A 393 -24.06 29.04 7.22
CA GLN A 393 -25.19 29.54 6.45
C GLN A 393 -26.10 30.35 7.37
N GLN A 394 -26.48 31.54 6.90
CA GLN A 394 -27.24 32.50 7.72
C GLN A 394 -26.53 32.78 9.04
N GLY A 395 -25.23 33.01 8.95
CA GLY A 395 -24.44 33.35 10.13
C GLY A 395 -23.58 34.57 9.87
N GLU A 396 -23.25 35.28 10.94
CA GLU A 396 -22.42 36.48 10.88
C GLU A 396 -21.32 36.36 11.90
N ILE A 397 -20.08 36.22 11.43
CA ILE A 397 -18.90 36.22 12.29
C ILE A 397 -18.07 37.45 11.93
N LEU A 398 -17.79 38.29 12.91
CA LEU A 398 -17.05 39.52 12.71
C LEU A 398 -15.75 39.45 13.49
N LEU A 399 -14.73 40.15 13.00
CA LEU A 399 -13.40 40.13 13.59
C LEU A 399 -12.85 41.55 13.48
N ASN A 400 -12.89 42.28 14.61
CA ASN A 400 -12.63 43.73 14.63
C ASN A 400 -13.61 44.46 13.70
N ASP A 401 -14.91 44.30 14.00
CA ASP A 401 -16.03 44.88 13.28
C ASP A 401 -15.94 44.71 11.77
N SER A 402 -15.22 43.69 11.30
CA SER A 402 -15.15 43.33 9.90
C SER A 402 -15.41 41.83 9.76
N PRO A 403 -16.27 41.43 8.82
CA PRO A 403 -16.65 40.02 8.73
C PRO A 403 -15.44 39.14 8.43
N ILE A 404 -15.52 37.90 8.91
CA ILE A 404 -14.43 36.95 8.72
C ILE A 404 -14.23 36.65 7.25
N ALA A 405 -15.27 36.83 6.42
CA ALA A 405 -15.14 36.51 5.00
C ALA A 405 -14.33 37.56 4.27
N SER A 406 -14.29 38.79 4.79
CA SER A 406 -13.61 39.87 4.08
C SER A 406 -12.10 39.73 4.14
N LEU A 407 -11.59 39.00 5.13
CA LEU A 407 -10.15 38.86 5.30
C LEU A 407 -9.59 37.82 4.32
N ASN A 408 -8.49 38.19 3.66
CA ASN A 408 -7.81 37.25 2.78
C ASN A 408 -7.09 36.19 3.60
N GLU A 409 -6.84 35.05 2.96
CA GLU A 409 -6.21 33.92 3.66
C GLU A 409 -4.82 34.28 4.18
N ALA A 410 -4.11 35.20 3.51
CA ALA A 410 -2.79 35.58 3.96
C ALA A 410 -2.84 36.30 5.30
N ALA A 411 -3.94 37.02 5.57
CA ALA A 411 -4.08 37.75 6.82
C ALA A 411 -4.89 37.00 7.86
N LEU A 412 -5.86 36.18 7.46
CA LEU A 412 -6.63 35.41 8.43
C LEU A 412 -5.75 34.43 9.19
N ARG A 413 -4.88 33.71 8.47
CA ARG A 413 -3.98 32.78 9.13
C ARG A 413 -2.99 33.48 10.04
N GLN A 414 -2.68 34.75 9.76
CA GLN A 414 -1.77 35.51 10.61
C GLN A 414 -2.51 36.15 11.77
N THR A 415 -3.83 36.35 11.66
CA THR A 415 -4.64 36.90 12.73
C THR A 415 -4.91 35.87 13.83
N ILE A 416 -5.11 34.61 13.45
CA ILE A 416 -5.57 33.57 14.38
C ILE A 416 -4.51 32.47 14.42
N SER A 417 -4.01 32.16 15.61
CA SER A 417 -3.12 31.03 15.83
C SER A 417 -3.84 29.99 16.67
N VAL A 418 -4.13 28.85 16.05
CA VAL A 418 -4.92 27.78 16.68
C VAL A 418 -3.98 26.63 17.02
N VAL A 419 -4.16 26.05 18.20
CA VAL A 419 -3.48 24.82 18.58
C VAL A 419 -4.47 23.67 18.42
N PRO A 420 -4.29 22.79 17.44
CA PRO A 420 -5.30 21.75 17.19
C PRO A 420 -5.22 20.66 18.23
N GLN A 421 -6.31 19.90 18.34
CA GLN A 421 -6.32 18.76 19.24
C GLN A 421 -5.32 17.69 18.79
N ARG A 422 -5.25 17.45 17.48
CA ARG A 422 -4.25 16.56 16.91
C ARG A 422 -3.14 17.42 16.32
N VAL A 423 -2.00 17.46 17.00
CA VAL A 423 -0.85 18.24 16.56
C VAL A 423 0.06 17.32 15.75
N HIS A 424 0.36 17.73 14.52
CA HIS A 424 1.14 16.87 13.60
C HIS A 424 2.63 17.18 13.63
N LEU A 425 3.45 16.16 13.94
CA LEU A 425 4.94 16.26 13.89
C LEU A 425 5.29 16.09 12.40
N PHE A 426 6.05 17.03 11.84
CA PHE A 426 6.23 17.03 10.36
C PHE A 426 7.32 16.08 9.88
N SER A 427 7.88 15.25 10.76
CA SER A 427 8.98 14.33 10.36
C SER A 427 10.08 15.13 9.64
N ALA A 428 10.52 16.21 10.27
CA ALA A 428 11.62 17.09 9.79
C ALA A 428 12.44 17.53 11.00
N THR A 429 13.51 18.29 10.79
CA THR A 429 14.35 18.75 11.89
C THR A 429 13.55 19.70 12.77
N LEU A 430 13.82 19.62 14.08
CA LEU A 430 13.03 20.39 15.04
C LEU A 430 13.02 21.88 14.71
N ARG A 431 14.09 22.37 14.08
CA ARG A 431 14.09 23.75 13.60
C ARG A 431 13.03 23.96 12.53
N ASP A 432 12.85 22.97 11.65
CA ASP A 432 11.84 23.08 10.59
C ASP A 432 10.43 22.79 11.08
N ASN A 433 10.28 22.30 12.31
CA ASN A 433 8.95 22.08 12.86
C ASN A 433 8.36 23.34 13.46
N LEU A 434 9.19 24.17 14.10
CA LEU A 434 8.71 25.39 14.72
C LEU A 434 8.85 26.62 13.84
N LEU A 435 9.76 26.60 12.86
CA LEU A 435 9.78 27.66 11.86
C LEU A 435 8.55 27.62 10.96
N LEU A 436 7.77 26.54 11.03
CA LEU A 436 6.49 26.49 10.34
C LEU A 436 5.57 27.61 10.83
N ALA A 437 5.56 27.86 12.14
CA ALA A 437 4.77 28.96 12.68
C ALA A 437 5.27 30.30 12.15
N SER A 438 6.51 30.66 12.47
CA SER A 438 7.12 31.90 12.02
C SER A 438 8.39 31.60 11.25
N PRO A 439 8.39 31.70 9.92
CA PRO A 439 9.60 31.35 9.17
C PRO A 439 10.78 32.26 9.46
N GLY A 440 10.54 33.52 9.79
CA GLY A 440 11.62 34.48 9.97
C GLY A 440 12.29 34.45 11.33
N SER A 441 11.84 33.57 12.24
CA SER A 441 12.38 33.56 13.58
C SER A 441 13.87 33.19 13.58
N SER A 442 14.66 33.92 14.35
CA SER A 442 16.07 33.66 14.48
C SER A 442 16.32 32.39 15.29
N ASP A 443 17.52 31.83 15.14
CA ASP A 443 17.85 30.59 15.82
C ASP A 443 17.84 30.77 17.33
N GLU A 444 18.20 31.96 17.82
CA GLU A 444 18.17 32.22 19.25
C GLU A 444 16.74 32.22 19.78
N ALA A 445 15.81 32.79 19.01
CA ALA A 445 14.42 32.86 19.46
C ALA A 445 13.83 31.47 19.64
N LEU A 446 14.20 30.53 18.77
CA LEU A 446 13.70 29.16 18.88
C LEU A 446 14.09 28.53 20.21
N SER A 447 15.35 28.68 20.61
CA SER A 447 15.80 28.10 21.86
C SER A 447 15.09 28.72 23.05
N GLU A 448 14.91 30.04 23.04
CA GLU A 448 14.30 30.73 24.17
C GLU A 448 12.84 30.31 24.34
N ILE A 449 12.07 30.35 23.26
CA ILE A 449 10.65 29.99 23.35
C ILE A 449 10.49 28.53 23.71
N LEU A 450 11.36 27.66 23.17
CA LEU A 450 11.28 26.25 23.50
C LEU A 450 11.71 26.01 24.94
N ARG A 451 12.45 26.97 25.52
CA ARG A 451 12.80 26.91 26.93
C ARG A 451 11.63 27.36 27.80
N ARG A 452 11.02 28.51 27.45
CA ARG A 452 9.95 29.06 28.26
C ARG A 452 8.72 28.17 28.28
N VAL A 453 8.48 27.42 27.21
CA VAL A 453 7.38 26.46 27.20
C VAL A 453 7.68 25.31 28.16
N GLY A 454 8.94 24.92 28.27
CA GLY A 454 9.34 23.84 29.14
C GLY A 454 9.85 22.61 28.43
N LEU A 455 9.97 22.63 27.11
CA LEU A 455 10.55 21.54 26.35
C LEU A 455 12.06 21.71 26.37
N GLU A 456 12.69 21.31 27.47
CA GLU A 456 14.14 21.38 27.62
C GLU A 456 14.84 20.10 27.19
N LYS A 457 14.10 18.98 27.23
CA LYS A 457 14.66 17.67 26.84
C LYS A 457 14.88 17.65 25.32
N LEU A 458 14.22 18.54 24.58
CA LEU A 458 14.40 18.58 23.11
C LEU A 458 15.69 19.34 22.78
N LEU A 459 16.00 20.38 23.55
CA LEU A 459 17.20 21.20 23.28
C LEU A 459 18.45 20.64 23.98
N GLU A 460 18.30 19.55 24.76
CA GLU A 460 19.47 18.98 25.50
C GLU A 460 20.56 18.52 24.52
N ASP A 461 20.19 17.79 23.46
CA ASP A 461 21.17 17.29 22.46
C ASP A 461 20.57 17.47 21.06
N ALA A 462 21.31 18.12 20.15
CA ALA A 462 20.82 18.33 18.76
C ALA A 462 19.40 18.92 18.80
N GLY A 463 19.23 20.00 19.56
CA GLY A 463 17.89 20.62 19.75
C GLY A 463 17.28 21.09 18.46
N LEU A 464 18.07 21.70 17.58
CA LEU A 464 17.51 22.20 16.30
C LEU A 464 18.00 21.36 15.12
N ASN A 465 18.79 20.31 15.38
CA ASN A 465 19.25 19.47 14.23
C ASN A 465 18.62 18.07 14.29
N SER A 466 18.06 17.67 15.44
CA SER A 466 17.45 16.33 15.61
C SER A 466 16.25 16.17 14.67
N TRP A 467 15.99 14.94 14.22
CA TRP A 467 14.87 14.66 13.28
C TRP A 467 13.62 14.19 14.04
N LEU A 468 12.59 15.03 14.09
CA LEU A 468 11.35 14.61 14.81
C LEU A 468 10.42 13.88 13.84
N GLY A 469 9.35 13.29 14.38
CA GLY A 469 8.38 12.54 13.55
C GLY A 469 8.81 11.12 13.27
N GLU A 470 8.38 10.56 12.12
CA GLU A 470 8.75 9.20 11.76
C GLU A 470 10.26 9.09 11.57
N GLY A 471 10.80 7.95 12.01
CA GLY A 471 12.23 7.72 11.88
C GLY A 471 13.06 8.74 12.62
N GLY A 472 12.64 9.09 13.83
CA GLY A 472 13.33 10.09 14.60
C GLY A 472 12.84 10.20 16.04
N ARG A 473 13.18 11.30 16.70
CA ARG A 473 12.84 11.50 18.11
C ARG A 473 11.35 11.79 18.22
N GLN A 474 10.58 10.73 18.38
CA GLN A 474 9.14 10.87 18.56
C GLN A 474 8.85 11.53 19.91
N LEU A 475 7.74 12.26 19.98
CA LEU A 475 7.34 12.98 21.17
C LEU A 475 6.07 12.36 21.74
N SER A 476 5.91 12.44 23.05
CA SER A 476 4.75 11.85 23.72
C SER A 476 3.68 12.91 23.98
N GLY A 477 2.46 12.44 24.20
CA GLY A 477 1.36 13.32 24.57
C GLY A 477 1.67 14.09 25.83
N GLY A 478 1.49 15.41 25.78
CA GLY A 478 1.92 16.28 26.84
C GLY A 478 3.32 16.84 26.66
N GLU A 479 4.19 16.11 25.97
CA GLU A 479 5.42 16.65 25.42
C GLU A 479 5.24 17.10 23.98
N LEU A 480 4.28 16.53 23.26
CA LEU A 480 3.85 17.02 21.96
C LEU A 480 2.85 18.17 22.08
N ARG A 481 2.11 18.22 23.19
CA ARG A 481 1.19 19.33 23.42
C ARG A 481 1.95 20.64 23.60
N ARG A 482 3.09 20.61 24.29
CA ARG A 482 3.90 21.81 24.43
C ARG A 482 4.50 22.25 23.10
N LEU A 483 4.56 21.36 22.10
CA LEU A 483 4.99 21.79 20.77
C LEU A 483 3.90 22.59 20.07
N ALA A 484 2.65 22.15 20.18
CA ALA A 484 1.55 22.89 19.57
C ALA A 484 1.44 24.29 20.16
N ILE A 485 1.61 24.40 21.48
CA ILE A 485 1.60 25.71 22.12
C ILE A 485 2.83 26.51 21.73
N ALA A 486 3.97 25.84 21.59
CA ALA A 486 5.19 26.54 21.17
C ALA A 486 5.01 27.17 19.79
N ARG A 487 4.39 26.45 18.86
CA ARG A 487 4.13 27.02 17.54
C ARG A 487 3.21 28.23 17.63
N ALA A 488 2.15 28.15 18.43
CA ALA A 488 1.24 29.27 18.55
C ALA A 488 1.92 30.49 19.15
N LEU A 489 2.95 30.29 19.97
CA LEU A 489 3.68 31.42 20.53
C LEU A 489 4.62 32.05 19.51
N LEU A 490 5.22 31.25 18.62
CA LEU A 490 6.00 31.83 17.53
C LEU A 490 5.10 32.61 16.58
N HIS A 491 3.93 32.05 16.25
CA HIS A 491 3.05 32.68 15.27
C HIS A 491 2.59 34.05 15.74
N ASP A 492 2.49 34.25 17.05
CA ASP A 492 2.25 35.56 17.65
C ASP A 492 0.97 36.21 17.11
N ALA A 493 -0.05 35.41 16.90
CA ALA A 493 -1.30 35.97 16.42
C ALA A 493 -2.06 36.63 17.56
N PRO A 494 -2.78 37.71 17.28
CA PRO A 494 -3.55 38.39 18.35
C PRO A 494 -4.62 37.50 18.97
N LEU A 495 -5.21 36.59 18.21
CA LEU A 495 -6.21 35.66 18.73
C LEU A 495 -5.60 34.27 18.79
N VAL A 496 -5.91 33.53 19.86
CA VAL A 496 -5.38 32.19 20.06
C VAL A 496 -6.54 31.26 20.37
N LEU A 497 -6.80 30.31 19.48
CA LEU A 497 -7.87 29.34 19.66
C LEU A 497 -7.26 28.03 20.15
N LEU A 498 -7.68 27.58 21.33
CA LEU A 498 -7.21 26.32 21.87
C LEU A 498 -8.32 25.29 21.81
N ASP A 499 -8.05 24.15 21.17
CA ASP A 499 -9.01 23.07 21.02
C ASP A 499 -8.57 21.91 21.90
N GLN A 500 -9.16 21.80 23.08
CA GLN A 500 -8.84 20.74 24.04
C GLN A 500 -7.35 20.69 24.36
N PRO A 501 -6.78 21.76 24.93
CA PRO A 501 -5.34 21.74 25.21
C PRO A 501 -4.91 20.64 26.16
N THR A 502 -5.76 20.27 27.11
CA THR A 502 -5.42 19.29 28.14
C THR A 502 -6.38 18.10 28.11
N GLU A 503 -6.63 17.56 26.91
CA GLU A 503 -7.62 16.50 26.77
C GLU A 503 -7.18 15.22 27.49
N GLY A 504 -5.95 14.76 27.22
CA GLY A 504 -5.48 13.50 27.74
C GLY A 504 -4.29 13.57 28.66
N LEU A 505 -4.14 14.64 29.43
CA LEU A 505 -2.91 14.84 30.19
C LEU A 505 -3.14 14.61 31.69
N ASP A 506 -2.09 14.15 32.35
CA ASP A 506 -2.13 13.86 33.77
C ASP A 506 -2.22 15.16 34.58
N ALA A 507 -2.27 15.02 35.90
CA ALA A 507 -2.50 16.18 36.76
C ALA A 507 -1.35 17.17 36.73
N THR A 508 -0.11 16.67 36.71
CA THR A 508 1.05 17.55 36.83
C THR A 508 1.25 18.37 35.55
N THR A 509 0.96 17.81 34.38
CA THR A 509 1.20 18.58 33.14
C THR A 509 0.03 19.54 32.93
N GLU A 510 -1.18 19.06 33.22
CA GLU A 510 -2.34 19.93 33.00
C GLU A 510 -2.24 21.20 33.84
N SER A 511 -1.77 21.08 35.08
CA SER A 511 -1.60 22.27 35.92
C SER A 511 -0.55 23.20 35.34
N GLN A 512 0.53 22.66 34.78
CA GLN A 512 1.56 23.49 34.19
C GLN A 512 1.05 24.25 32.98
N ILE A 513 0.33 23.56 32.09
CA ILE A 513 -0.14 24.19 30.85
C ILE A 513 -1.13 25.31 31.15
N LEU A 514 -2.04 25.07 32.09
CA LEU A 514 -3.01 26.11 32.45
C LEU A 514 -2.30 27.38 32.92
N GLU A 515 -1.24 27.22 33.72
CA GLU A 515 -0.40 28.36 34.07
C GLU A 515 0.43 28.79 32.87
N LEU A 516 0.90 27.83 32.07
CA LEU A 516 1.65 28.14 30.86
C LEU A 516 0.82 28.97 29.90
N LEU A 517 -0.47 28.65 29.77
CA LEU A 517 -1.37 29.44 28.94
C LEU A 517 -1.53 30.85 29.47
N ALA A 518 -1.81 30.99 30.77
CA ALA A 518 -2.23 32.28 31.31
C ALA A 518 -1.06 33.24 31.43
N GLU A 519 0.14 32.73 31.64
CA GLU A 519 1.30 33.60 31.85
C GLU A 519 1.74 34.24 30.54
N MET A 520 1.78 33.46 29.45
CA MET A 520 2.34 33.97 28.20
C MET A 520 1.25 34.47 27.27
N MET A 521 0.16 33.72 27.13
CA MET A 521 -1.00 34.19 26.35
C MET A 521 -1.87 35.10 27.22
N ARG A 522 -1.23 36.16 27.71
CA ARG A 522 -1.88 37.10 28.61
C ARG A 522 -2.42 38.34 27.91
N GLU A 523 -1.70 38.88 26.93
CA GLU A 523 -2.15 40.04 26.18
C GLU A 523 -2.92 39.67 24.92
N LYS A 524 -3.20 38.39 24.73
CA LYS A 524 -3.79 37.88 23.49
C LYS A 524 -5.19 37.37 23.77
N THR A 525 -6.14 37.74 22.93
CA THR A 525 -7.49 37.21 23.04
C THR A 525 -7.47 35.70 22.90
N VAL A 526 -7.98 34.99 23.90
CA VAL A 526 -7.90 33.54 23.97
C VAL A 526 -9.31 33.02 24.04
N LEU A 527 -9.62 32.02 23.22
CA LEU A 527 -10.92 31.36 23.24
C LEU A 527 -10.66 29.86 23.35
N MET A 528 -10.70 29.35 24.57
CA MET A 528 -10.27 27.99 24.87
C MET A 528 -11.49 27.09 25.02
N VAL A 529 -11.47 25.95 24.33
CA VAL A 529 -12.62 25.05 24.26
C VAL A 529 -12.24 23.72 24.89
N THR A 530 -12.80 23.44 26.06
CA THR A 530 -12.49 22.21 26.79
C THR A 530 -13.76 21.62 27.36
N HIS A 531 -13.64 20.36 27.81
CA HIS A 531 -14.66 19.72 28.63
C HIS A 531 -14.14 19.41 30.03
N ARG A 532 -13.04 20.04 30.43
CA ARG A 532 -12.47 19.88 31.76
C ARG A 532 -12.80 21.11 32.58
N LEU A 533 -12.91 20.93 33.90
CA LEU A 533 -13.40 21.98 34.79
C LEU A 533 -12.32 22.57 35.70
N ARG A 534 -11.05 22.29 35.45
CA ARG A 534 -10.03 22.60 36.45
C ARG A 534 -9.66 24.08 36.46
N GLY A 535 -9.09 24.58 35.38
CA GLY A 535 -8.43 25.87 35.38
C GLY A 535 -9.28 27.08 35.02
N LEU A 536 -10.60 26.97 35.06
CA LEU A 536 -11.47 28.05 34.58
C LEU A 536 -11.48 29.26 35.50
N SER A 537 -10.90 29.15 36.70
CA SER A 537 -10.95 30.26 37.65
C SER A 537 -10.15 31.47 37.19
N ARG A 538 -9.21 31.30 36.29
CA ARG A 538 -8.37 32.41 35.82
C ARG A 538 -8.89 33.02 34.53
N PHE A 539 -9.99 32.52 33.99
CA PHE A 539 -10.54 33.02 32.74
C PHE A 539 -11.55 34.13 33.01
N GLN A 540 -11.46 35.22 32.23
CA GLN A 540 -12.28 36.39 32.48
C GLN A 540 -13.75 36.12 32.16
N GLN A 541 -14.03 35.01 31.47
CA GLN A 541 -15.39 34.66 31.10
C GLN A 541 -15.46 33.17 30.80
N ILE A 542 -16.64 32.58 31.02
CA ILE A 542 -16.87 31.17 30.76
C ILE A 542 -18.19 31.03 30.03
N ILE A 543 -18.21 30.21 28.98
CA ILE A 543 -19.42 29.90 28.24
C ILE A 543 -19.70 28.41 28.41
N VAL A 544 -20.89 28.07 28.90
CA VAL A 544 -21.31 26.69 29.03
C VAL A 544 -22.39 26.44 27.99
N MET A 545 -22.17 25.44 27.13
CA MET A 545 -23.06 25.17 26.03
C MET A 545 -23.36 23.67 25.96
N ASP A 546 -24.58 23.36 25.53
CA ASP A 546 -25.00 22.00 25.23
C ASP A 546 -25.66 22.01 23.86
N ASN A 547 -25.50 20.90 23.13
CA ASN A 547 -26.08 20.65 21.81
C ASN A 547 -26.15 21.91 20.95
N GLY A 548 -25.02 22.61 20.89
CA GLY A 548 -24.91 23.82 20.09
C GLY A 548 -25.82 24.95 20.51
N GLN A 549 -25.95 25.16 21.82
CA GLN A 549 -26.78 26.23 22.34
C GLN A 549 -26.18 26.70 23.66
N ILE A 550 -26.28 28.00 23.92
CA ILE A 550 -25.68 28.61 25.10
C ILE A 550 -26.69 28.58 26.25
N ILE A 551 -26.44 27.73 27.24
CA ILE A 551 -27.32 27.67 28.40
C ILE A 551 -26.81 28.58 29.51
N GLU A 552 -25.66 28.21 30.07
CA GLU A 552 -25.04 29.00 31.18
C GLU A 552 -23.93 29.88 30.58
N GLN A 553 -24.23 31.17 30.40
CA GLN A 553 -23.25 32.14 29.83
C GLN A 553 -23.18 33.34 30.76
N GLY A 554 -22.04 34.05 30.77
CA GLY A 554 -21.89 35.23 31.65
C GLY A 554 -21.45 34.84 33.05
N THR A 555 -21.14 33.55 33.27
CA THR A 555 -20.74 33.08 34.62
C THR A 555 -19.24 33.27 34.85
N HIS A 556 -18.86 34.39 35.48
CA HIS A 556 -17.45 34.71 35.81
C HIS A 556 -16.95 33.73 36.88
N ALA A 557 -17.81 32.81 37.32
CA ALA A 557 -17.51 31.80 38.35
C ALA A 557 -16.58 30.70 37.78
N GLU A 558 -15.96 29.93 38.66
CA GLU A 558 -14.99 28.90 38.21
C GLU A 558 -15.67 27.89 37.27
N LEU A 559 -16.88 27.42 37.58
CA LEU A 559 -17.55 26.44 36.70
C LEU A 559 -19.06 26.42 36.96
N LEU A 560 -19.82 25.79 36.06
CA LEU A 560 -21.29 25.66 36.23
C LEU A 560 -21.54 25.06 37.62
N ALA A 561 -22.39 25.71 38.42
CA ALA A 561 -22.74 25.29 39.80
C ALA A 561 -22.98 23.79 39.88
N ARG A 562 -23.88 23.25 39.06
CA ARG A 562 -24.19 21.80 39.08
C ARG A 562 -22.94 21.00 38.73
N GLN A 563 -22.19 21.47 37.71
CA GLN A 563 -20.93 20.80 37.29
C GLN A 563 -19.90 20.88 38.41
N GLY A 564 -19.87 22.01 39.13
CA GLY A 564 -18.93 22.28 40.25
C GLY A 564 -17.50 22.13 39.77
N SER B 4 23.64 -13.46 8.12
CA SER B 4 23.21 -14.31 9.21
C SER B 4 21.69 -14.41 9.28
N ARG B 5 21.03 -13.25 9.26
CA ARG B 5 19.57 -13.23 9.29
C ARG B 5 19.00 -13.45 7.89
N GLN B 6 19.48 -12.68 6.90
CA GLN B 6 18.96 -12.79 5.55
C GLN B 6 19.17 -14.19 4.99
N LYS B 7 20.22 -14.87 5.45
CA LYS B 7 20.39 -16.27 5.09
C LYS B 7 19.36 -17.15 5.79
N GLU B 8 18.98 -16.78 7.02
CA GLU B 8 18.00 -17.57 7.76
C GLU B 8 16.60 -17.37 7.21
N LEU B 9 16.30 -16.17 6.71
CA LEU B 9 14.99 -15.92 6.10
C LEU B 9 14.83 -16.72 4.81
N THR B 10 15.88 -16.82 4.01
CA THR B 10 15.81 -17.59 2.77
C THR B 10 15.56 -19.05 3.05
N ARG B 11 16.13 -19.58 4.13
CA ARG B 11 15.85 -20.95 4.52
C ARG B 11 14.38 -21.12 4.91
N TRP B 12 13.78 -20.07 5.49
CA TRP B 12 12.35 -20.11 5.76
C TRP B 12 11.55 -20.21 4.48
N LEU B 13 11.91 -19.41 3.46
CA LEU B 13 11.17 -19.40 2.21
C LEU B 13 11.20 -20.77 1.53
N LYS B 14 12.21 -21.58 1.89
CA LYS B 14 12.34 -22.94 1.32
C LYS B 14 11.37 -23.87 2.07
N GLN B 15 11.25 -23.70 3.39
CA GLN B 15 10.34 -24.52 4.18
C GLN B 15 8.91 -24.33 3.74
N GLN B 16 8.56 -23.10 3.33
CA GLN B 16 7.21 -22.83 2.86
C GLN B 16 6.96 -23.47 1.49
N SER B 17 7.99 -23.54 0.66
CA SER B 17 7.86 -24.06 -0.70
C SER B 17 7.92 -25.59 -0.70
N VAL B 18 7.05 -26.19 0.12
CA VAL B 18 6.93 -27.64 0.17
C VAL B 18 5.52 -28.10 -0.17
N ILE B 19 4.49 -27.29 0.08
CA ILE B 19 3.14 -27.65 -0.33
C ILE B 19 3.07 -27.86 -1.83
N SER B 20 3.77 -27.04 -2.60
CA SER B 20 3.79 -27.14 -4.05
C SER B 20 5.18 -27.50 -4.59
N GLN B 21 5.87 -28.43 -3.95
CA GLN B 21 7.12 -28.93 -4.51
C GLN B 21 6.86 -29.69 -5.80
N ARG B 22 5.67 -30.30 -5.92
CA ARG B 22 5.29 -30.94 -7.18
C ARG B 22 5.15 -29.91 -8.29
N TRP B 23 4.63 -28.72 -7.97
CA TRP B 23 4.45 -27.69 -8.99
C TRP B 23 5.73 -26.94 -9.26
N LEU B 24 6.66 -26.95 -8.30
CA LEU B 24 7.96 -26.33 -8.54
C LEU B 24 8.95 -27.28 -9.17
N ASN B 25 8.57 -28.54 -9.39
CA ASN B 25 9.39 -29.46 -10.16
C ASN B 25 8.99 -29.50 -11.62
N ILE B 26 7.72 -29.22 -11.92
CA ILE B 26 7.29 -29.14 -13.31
C ILE B 26 7.70 -27.80 -13.93
N SER B 27 7.98 -26.79 -13.10
CA SER B 27 8.56 -25.57 -13.64
C SER B 27 10.04 -25.72 -13.93
N ARG B 28 10.73 -26.61 -13.22
CA ARG B 28 12.10 -26.98 -13.58
C ARG B 28 12.13 -27.91 -14.77
N LEU B 29 11.17 -28.84 -14.86
CA LEU B 29 11.11 -29.77 -15.97
C LEU B 29 10.72 -29.08 -17.26
N LEU B 30 9.70 -28.20 -17.21
CA LEU B 30 9.30 -27.49 -18.41
C LEU B 30 10.30 -26.40 -18.79
N GLY B 31 11.15 -25.98 -17.84
CA GLY B 31 12.26 -25.13 -18.22
C GLY B 31 13.29 -25.89 -19.04
N PHE B 32 13.55 -27.14 -18.66
CA PHE B 32 14.44 -27.99 -19.46
C PHE B 32 13.83 -28.31 -20.81
N VAL B 33 12.52 -28.57 -20.85
CA VAL B 33 11.85 -28.88 -22.11
C VAL B 33 11.82 -27.65 -23.01
N SER B 34 11.49 -26.49 -22.45
CA SER B 34 11.53 -25.26 -23.25
C SER B 34 12.93 -24.96 -23.72
N GLY B 35 13.95 -25.35 -22.95
CA GLY B 35 15.31 -25.22 -23.42
C GLY B 35 15.63 -26.15 -24.57
N ILE B 36 15.10 -27.38 -24.52
CA ILE B 36 15.32 -28.34 -25.59
C ILE B 36 14.71 -27.84 -26.89
N LEU B 37 13.51 -27.27 -26.82
CA LEU B 37 12.82 -26.81 -28.01
C LEU B 37 13.49 -25.61 -28.67
N ILE B 38 14.32 -24.87 -27.93
CA ILE B 38 15.06 -23.76 -28.53
C ILE B 38 16.14 -24.28 -29.47
N ILE B 39 16.88 -25.32 -29.04
CA ILE B 39 17.85 -25.94 -29.93
C ILE B 39 17.16 -26.59 -31.12
N ALA B 40 16.05 -27.29 -30.86
CA ALA B 40 15.32 -27.91 -31.96
C ALA B 40 14.84 -26.87 -32.96
N GLN B 41 14.29 -25.76 -32.48
CA GLN B 41 13.97 -24.63 -33.34
C GLN B 41 15.20 -24.13 -34.08
N ALA B 42 16.28 -23.85 -33.34
CA ALA B 42 17.47 -23.27 -33.95
C ALA B 42 18.11 -24.22 -34.96
N TRP B 43 18.12 -25.52 -34.65
CA TRP B 43 18.74 -26.47 -35.56
C TRP B 43 17.93 -26.62 -36.84
N PHE B 44 16.60 -26.65 -36.73
CA PHE B 44 15.77 -26.77 -37.92
C PHE B 44 15.94 -25.55 -38.83
N MET B 45 15.97 -24.36 -38.24
CA MET B 45 16.14 -23.14 -39.05
C MET B 45 17.48 -23.14 -39.77
N ALA B 46 18.53 -23.59 -39.10
CA ALA B 46 19.83 -23.68 -39.75
C ALA B 46 19.81 -24.69 -40.90
N ARG B 47 19.13 -25.82 -40.70
CA ARG B 47 19.02 -26.82 -41.77
C ARG B 47 18.27 -26.25 -42.97
N ILE B 48 17.16 -25.55 -42.72
CA ILE B 48 16.43 -24.94 -43.82
C ILE B 48 17.26 -23.86 -44.49
N LEU B 49 17.82 -22.95 -43.70
CA LEU B 49 18.50 -21.79 -44.26
C LEU B 49 19.71 -22.20 -45.10
N GLN B 50 20.49 -23.17 -44.62
CA GLN B 50 21.66 -23.60 -45.38
C GLN B 50 21.25 -24.21 -46.72
N HIS B 51 20.17 -24.99 -46.74
CA HIS B 51 19.76 -25.68 -47.95
C HIS B 51 19.38 -24.70 -49.05
N MET B 52 18.61 -23.67 -48.72
CA MET B 52 18.16 -22.73 -49.74
C MET B 52 19.17 -21.63 -50.03
N ILE B 53 20.22 -21.49 -49.23
CA ILE B 53 21.24 -20.49 -49.47
C ILE B 53 22.45 -21.08 -50.18
N MET B 54 22.98 -22.20 -49.68
CA MET B 54 24.14 -22.84 -50.28
C MET B 54 23.77 -23.81 -51.40
N GLU B 55 22.86 -24.74 -51.12
CA GLU B 55 22.50 -25.76 -52.09
C GLU B 55 21.32 -25.36 -52.98
N ASN B 56 20.82 -24.13 -52.80
CA ASN B 56 19.72 -23.57 -53.62
C ASN B 56 18.56 -24.57 -53.79
N ILE B 57 18.25 -25.33 -52.74
CA ILE B 57 17.12 -26.26 -52.75
C ILE B 57 15.82 -25.46 -52.71
N PRO B 58 14.85 -25.76 -53.56
CA PRO B 58 13.62 -24.97 -53.60
C PRO B 58 12.81 -25.09 -52.31
N ARG B 59 11.75 -24.29 -52.25
CA ARG B 59 10.92 -24.23 -51.05
C ARG B 59 10.23 -25.55 -50.75
N GLU B 60 9.70 -26.22 -51.78
CA GLU B 60 8.85 -27.38 -51.59
C GLU B 60 9.62 -28.67 -51.33
N ALA B 61 10.93 -28.69 -51.58
CA ALA B 61 11.73 -29.84 -51.20
C ALA B 61 12.12 -29.81 -49.72
N LEU B 62 11.95 -28.67 -49.06
CA LEU B 62 12.18 -28.54 -47.62
C LEU B 62 10.87 -28.55 -46.85
N LEU B 63 9.86 -29.23 -47.38
CA LEU B 63 8.54 -29.21 -46.75
C LEU B 63 8.52 -29.99 -45.45
N LEU B 64 9.46 -30.93 -45.29
CA LEU B 64 9.55 -31.66 -44.03
C LEU B 64 10.14 -30.82 -42.90
N PRO B 65 11.28 -30.13 -43.07
CA PRO B 65 11.74 -29.25 -41.99
C PRO B 65 10.75 -28.14 -41.66
N PHE B 66 10.04 -27.61 -42.66
CA PHE B 66 9.01 -26.61 -42.38
C PHE B 66 7.91 -27.19 -41.51
N THR B 67 7.46 -28.40 -41.82
CA THR B 67 6.44 -29.06 -41.02
C THR B 67 6.93 -29.35 -39.60
N LEU B 68 8.22 -29.65 -39.44
CA LEU B 68 8.78 -29.87 -38.11
C LEU B 68 9.11 -28.57 -37.39
N LEU B 69 9.46 -27.52 -38.14
CA LEU B 69 9.74 -26.23 -37.51
C LEU B 69 8.47 -25.60 -36.94
N VAL B 70 7.33 -25.83 -37.59
CA VAL B 70 6.06 -25.33 -37.06
C VAL B 70 5.75 -26.01 -35.73
N LEU B 71 5.99 -27.31 -35.64
CA LEU B 71 5.67 -28.05 -34.42
C LEU B 71 6.49 -27.54 -33.24
N THR B 72 7.78 -27.27 -33.51
CA THR B 72 8.73 -26.75 -32.49
C THR B 72 8.30 -25.35 -32.08
N PHE B 73 7.57 -24.64 -32.95
CA PHE B 73 7.07 -23.31 -32.63
C PHE B 73 5.75 -23.39 -31.86
N VAL B 74 4.89 -24.34 -32.24
CA VAL B 74 3.65 -24.57 -31.50
C VAL B 74 3.95 -25.18 -30.14
N LEU B 75 4.91 -26.10 -30.08
CA LEU B 75 5.26 -26.72 -28.80
C LEU B 75 5.85 -25.69 -27.84
N ARG B 76 6.68 -24.78 -28.35
CA ARG B 76 7.25 -23.74 -27.49
C ARG B 76 6.16 -22.85 -26.92
N ALA B 77 5.20 -22.45 -27.76
CA ALA B 77 4.11 -21.60 -27.27
C ALA B 77 3.26 -22.35 -26.26
N TRP B 78 3.05 -23.65 -26.47
CA TRP B 78 2.31 -24.44 -25.50
C TRP B 78 3.06 -24.54 -24.18
N VAL B 79 4.37 -24.77 -24.23
CA VAL B 79 5.16 -24.90 -23.02
C VAL B 79 5.20 -23.58 -22.26
N VAL B 80 5.31 -22.46 -22.98
CA VAL B 80 5.32 -21.15 -22.34
C VAL B 80 3.99 -20.87 -21.65
N TRP B 81 2.89 -21.18 -22.31
CA TRP B 81 1.57 -21.08 -21.67
C TRP B 81 1.46 -22.06 -20.52
N LEU B 82 1.97 -23.27 -20.69
CA LEU B 82 1.90 -24.29 -19.64
C LEU B 82 2.87 -24.04 -18.50
N ARG B 83 3.99 -23.37 -18.76
CA ARG B 83 5.06 -23.31 -17.77
C ARG B 83 4.71 -22.39 -16.61
N GLU B 84 4.06 -21.27 -16.88
CA GLU B 84 3.80 -20.33 -15.80
C GLU B 84 2.34 -20.32 -15.35
N ARG B 85 1.50 -21.17 -15.96
CA ARG B 85 0.29 -21.59 -15.26
C ARG B 85 0.63 -22.54 -14.13
N VAL B 86 1.60 -23.42 -14.35
CA VAL B 86 2.14 -24.24 -13.27
C VAL B 86 2.83 -23.35 -12.24
N GLY B 87 3.50 -22.30 -12.72
CA GLY B 87 4.17 -21.39 -11.80
C GLY B 87 3.20 -20.66 -10.89
N TYR B 88 2.08 -20.20 -11.45
CA TYR B 88 1.07 -19.56 -10.61
C TYR B 88 0.48 -20.54 -9.63
N HIS B 89 0.10 -21.73 -10.11
CA HIS B 89 -0.45 -22.75 -9.23
C HIS B 89 0.51 -23.08 -8.09
N ALA B 90 1.81 -23.05 -8.37
CA ALA B 90 2.78 -23.22 -7.30
C ALA B 90 2.70 -22.09 -6.29
N GLY B 91 2.75 -20.84 -6.76
CA GLY B 91 2.79 -19.71 -5.85
C GLY B 91 1.48 -19.45 -5.15
N GLN B 92 0.37 -19.87 -5.75
CA GLN B 92 -0.93 -19.73 -5.08
C GLN B 92 -1.00 -20.61 -3.84
N HIS B 93 -0.39 -21.80 -3.90
CA HIS B 93 -0.52 -22.75 -2.80
C HIS B 93 0.27 -22.33 -1.57
N ILE B 94 1.43 -21.68 -1.76
CA ILE B 94 2.12 -21.10 -0.60
C ILE B 94 1.29 -19.98 0.00
N ARG B 95 0.74 -19.10 -0.83
CA ARG B 95 -0.04 -17.98 -0.31
C ARG B 95 -1.32 -18.47 0.37
N PHE B 96 -1.98 -19.48 -0.19
CA PHE B 96 -3.19 -19.99 0.42
C PHE B 96 -2.88 -20.75 1.71
N ALA B 97 -1.77 -21.48 1.74
CA ALA B 97 -1.45 -22.26 2.93
C ALA B 97 -0.93 -21.38 4.06
N ILE B 98 -0.11 -20.38 3.74
CA ILE B 98 0.41 -19.50 4.78
C ILE B 98 -0.68 -18.59 5.33
N ARG B 99 -1.57 -18.09 4.45
CA ARG B 99 -2.65 -17.25 4.94
C ARG B 99 -3.60 -18.03 5.82
N ARG B 100 -3.66 -19.36 5.66
CA ARG B 100 -4.42 -20.19 6.58
C ARG B 100 -3.67 -20.38 7.89
N GLN B 101 -2.34 -20.36 7.86
CA GLN B 101 -1.55 -20.47 9.09
C GLN B 101 -1.58 -19.17 9.87
N VAL B 102 -1.55 -18.03 9.16
CA VAL B 102 -1.58 -16.75 9.85
C VAL B 102 -2.90 -16.55 10.56
N LEU B 103 -4.01 -16.85 9.88
CA LEU B 103 -5.33 -16.68 10.48
C LEU B 103 -5.54 -17.66 11.62
N ASP B 104 -5.02 -18.88 11.50
CA ASP B 104 -5.08 -19.83 12.60
C ASP B 104 -4.24 -19.37 13.77
N ARG B 105 -3.19 -18.60 13.51
CA ARG B 105 -2.37 -18.05 14.58
C ARG B 105 -3.06 -16.87 15.25
N LEU B 106 -3.92 -16.15 14.52
CA LEU B 106 -4.61 -15.01 15.09
C LEU B 106 -5.88 -15.43 15.80
N GLN B 107 -6.64 -16.35 15.21
CA GLN B 107 -7.87 -16.81 15.85
C GLN B 107 -7.57 -17.51 17.17
N GLN B 108 -6.49 -18.29 17.21
CA GLN B 108 -6.12 -18.99 18.44
C GLN B 108 -5.55 -18.03 19.46
N ALA B 109 -4.80 -17.03 19.01
CA ALA B 109 -4.20 -16.07 19.94
C ALA B 109 -5.27 -15.24 20.65
N GLY B 110 -6.43 -15.08 20.03
CA GLY B 110 -7.55 -14.44 20.67
C GLY B 110 -7.55 -12.93 20.50
N PRO B 111 -8.61 -12.29 21.00
CA PRO B 111 -8.72 -10.84 20.85
C PRO B 111 -7.68 -10.07 21.66
N ALA B 112 -7.10 -10.68 22.69
CA ALA B 112 -6.13 -9.98 23.51
C ALA B 112 -4.86 -9.65 22.72
N TRP B 113 -4.34 -10.63 21.98
CA TRP B 113 -3.14 -10.39 21.18
C TRP B 113 -3.45 -9.57 19.93
N ILE B 114 -4.65 -9.76 19.36
CA ILE B 114 -5.03 -9.05 18.16
C ILE B 114 -5.10 -7.55 18.41
N GLN B 115 -5.62 -7.16 19.57
CA GLN B 115 -5.86 -5.74 19.85
C GLN B 115 -4.57 -4.96 20.04
N GLY B 116 -3.42 -5.64 20.11
CA GLY B 116 -2.16 -4.94 20.32
C GLY B 116 -1.83 -3.97 19.21
N LYS B 117 -2.09 -4.37 17.97
CA LYS B 117 -1.77 -3.56 16.81
C LYS B 117 -3.04 -3.13 16.09
N PRO B 118 -2.99 -2.01 15.35
CA PRO B 118 -4.16 -1.58 14.58
C PRO B 118 -4.52 -2.60 13.51
N ALA B 119 -5.81 -2.70 13.22
CA ALA B 119 -6.27 -3.70 12.27
C ALA B 119 -5.80 -3.40 10.85
N GLY B 120 -5.31 -2.18 10.63
CA GLY B 120 -4.70 -1.87 9.36
C GLY B 120 -3.32 -2.48 9.22
N SER B 121 -2.61 -2.62 10.34
CA SER B 121 -1.29 -3.24 10.30
C SER B 121 -1.38 -4.75 10.35
N TRP B 122 -2.52 -5.29 10.78
CA TRP B 122 -2.76 -6.72 10.65
C TRP B 122 -3.14 -7.10 9.23
N ALA B 123 -3.81 -6.22 8.50
CA ALA B 123 -4.28 -6.52 7.16
C ALA B 123 -3.24 -6.24 6.09
N THR B 124 -2.08 -5.68 6.46
CA THR B 124 -0.95 -5.70 5.54
C THR B 124 -0.16 -6.99 5.66
N LEU B 125 -0.19 -7.63 6.83
CA LEU B 125 0.44 -8.92 7.02
C LEU B 125 -0.30 -10.02 6.27
N VAL B 126 -1.64 -9.95 6.28
CA VAL B 126 -2.43 -11.03 5.70
C VAL B 126 -2.65 -10.81 4.22
N LEU B 127 -2.62 -9.55 3.78
CA LEU B 127 -2.86 -9.23 2.37
C LEU B 127 -1.60 -8.85 1.62
N GLU B 128 -0.85 -7.86 2.11
CA GLU B 128 0.26 -7.32 1.35
C GLU B 128 1.53 -8.14 1.53
N GLN B 129 1.84 -8.52 2.78
CA GLN B 129 3.06 -9.27 3.01
C GLN B 129 3.00 -10.64 2.34
N ILE B 130 1.84 -11.30 2.39
CA ILE B 130 1.74 -12.64 1.83
C ILE B 130 1.71 -12.61 0.31
N ASP B 131 0.97 -11.64 -0.27
CA ASP B 131 0.95 -11.54 -1.72
C ASP B 131 2.27 -11.04 -2.29
N ASP B 132 3.15 -10.50 -1.46
CA ASP B 132 4.50 -10.17 -1.91
C ASP B 132 5.30 -11.40 -2.25
N MET B 133 4.89 -12.57 -1.74
CA MET B 133 5.68 -13.78 -1.93
C MET B 133 5.24 -14.59 -3.13
N HIS B 134 4.28 -14.12 -3.92
CA HIS B 134 3.85 -14.91 -5.07
C HIS B 134 4.88 -14.89 -6.18
N ASP B 135 5.33 -13.70 -6.58
CA ASP B 135 6.24 -13.57 -7.71
C ASP B 135 7.63 -14.08 -7.42
N TYR B 136 7.85 -14.68 -6.25
CA TYR B 136 9.10 -15.33 -5.90
C TYR B 136 9.05 -16.83 -6.16
N TYR B 137 7.94 -17.49 -5.81
CA TYR B 137 7.77 -18.89 -6.11
C TYR B 137 7.19 -19.12 -7.50
N ALA B 138 6.52 -18.13 -8.07
CA ALA B 138 5.92 -18.25 -9.38
C ALA B 138 6.86 -17.86 -10.51
N ARG B 139 7.60 -16.77 -10.35
CA ARG B 139 8.45 -16.26 -11.42
C ARG B 139 9.94 -16.29 -11.13
N TYR B 140 10.36 -16.16 -9.87
CA TYR B 140 11.79 -16.12 -9.59
C TYR B 140 12.37 -17.53 -9.50
N LEU B 141 11.83 -18.35 -8.61
CA LEU B 141 12.36 -19.71 -8.44
C LEU B 141 12.30 -20.53 -9.72
N PRO B 142 11.20 -20.55 -10.48
CA PRO B 142 11.26 -21.25 -11.77
C PRO B 142 12.30 -20.68 -12.72
N GLN B 143 12.48 -19.35 -12.73
CA GLN B 143 13.45 -18.72 -13.61
C GLN B 143 14.87 -18.88 -13.09
N MET B 144 15.05 -19.02 -11.78
CA MET B 144 16.38 -19.24 -11.23
C MET B 144 16.96 -20.57 -11.70
N ALA B 145 16.11 -21.52 -12.07
CA ALA B 145 16.55 -22.81 -12.56
C ALA B 145 16.46 -22.95 -14.07
N LEU B 146 15.73 -22.07 -14.74
CA LEU B 146 15.82 -21.96 -16.18
C LEU B 146 17.03 -21.13 -16.60
N ALA B 147 17.61 -20.37 -15.69
CA ALA B 147 18.81 -19.60 -15.96
C ALA B 147 20.08 -20.42 -15.84
N VAL B 148 19.98 -21.66 -15.36
CA VAL B 148 21.15 -22.51 -15.22
C VAL B 148 21.06 -23.74 -16.13
N SER B 149 19.87 -24.15 -16.55
CA SER B 149 19.73 -25.28 -17.45
C SER B 149 19.81 -24.86 -18.92
N VAL B 150 19.02 -23.87 -19.32
CA VAL B 150 19.01 -23.45 -20.71
C VAL B 150 20.37 -22.95 -21.18
N PRO B 151 21.07 -22.07 -20.47
CA PRO B 151 22.43 -21.71 -20.91
C PRO B 151 23.37 -22.89 -21.03
N LEU B 152 23.29 -23.85 -20.10
CA LEU B 152 24.16 -25.02 -20.16
C LEU B 152 23.69 -25.99 -21.23
N LEU B 153 22.39 -26.03 -21.53
CA LEU B 153 21.90 -26.94 -22.54
C LEU B 153 22.16 -26.43 -23.94
N ILE B 154 22.26 -25.10 -24.10
CA ILE B 154 22.60 -24.52 -25.41
C ILE B 154 24.06 -24.79 -25.74
N VAL B 155 24.95 -24.65 -24.75
CA VAL B 155 26.37 -24.87 -25.01
C VAL B 155 26.63 -26.33 -25.38
N VAL B 156 25.94 -27.26 -24.73
CA VAL B 156 26.09 -28.67 -25.04
C VAL B 156 25.66 -28.95 -26.49
N ALA B 157 24.67 -28.19 -26.99
CA ALA B 157 24.22 -28.41 -28.36
C ALA B 157 25.20 -27.82 -29.37
N ILE B 158 25.92 -26.77 -28.99
CA ILE B 158 26.83 -26.12 -29.93
C ILE B 158 28.19 -26.80 -29.94
N PHE B 159 28.58 -27.41 -28.80
CA PHE B 159 29.92 -27.96 -28.68
C PHE B 159 30.27 -29.01 -29.74
N PRO B 160 29.39 -29.97 -30.08
CA PRO B 160 29.74 -30.88 -31.19
C PRO B 160 29.97 -30.16 -32.51
N SER B 161 29.29 -29.03 -32.74
CA SER B 161 29.50 -28.30 -33.98
C SER B 161 30.84 -27.60 -33.98
N ASN B 162 31.03 -26.66 -33.05
CA ASN B 162 32.32 -26.00 -32.86
C ASN B 162 32.61 -25.88 -31.38
N TRP B 163 33.88 -26.08 -31.02
CA TRP B 163 34.33 -25.82 -29.66
C TRP B 163 34.75 -24.37 -29.46
N ALA B 164 34.77 -23.58 -30.52
CA ALA B 164 35.08 -22.15 -30.41
C ALA B 164 33.84 -21.28 -30.36
N ALA B 165 32.76 -21.70 -31.03
CA ALA B 165 31.50 -20.98 -30.90
C ALA B 165 30.83 -21.26 -29.57
N ALA B 166 31.03 -22.45 -29.02
CA ALA B 166 30.54 -22.80 -27.68
C ALA B 166 31.49 -22.34 -26.59
N LEU B 167 32.64 -21.79 -26.94
CA LEU B 167 33.56 -21.22 -25.97
C LEU B 167 33.40 -19.71 -25.84
N ILE B 168 32.90 -19.05 -26.89
CA ILE B 168 32.55 -17.63 -26.78
C ILE B 168 31.40 -17.45 -25.80
N LEU B 169 30.39 -18.32 -25.88
CA LEU B 169 29.26 -18.23 -24.96
C LEU B 169 29.67 -18.66 -23.56
N LEU B 170 30.38 -19.78 -23.45
CA LEU B 170 30.83 -20.24 -22.15
C LEU B 170 31.96 -19.39 -21.58
N GLY B 171 32.64 -18.62 -22.43
CA GLY B 171 33.68 -17.73 -21.94
C GLY B 171 33.13 -16.59 -21.11
N THR B 172 31.94 -16.08 -21.46
CA THR B 172 31.31 -15.00 -20.70
C THR B 172 30.64 -15.49 -19.42
N ALA B 173 30.50 -16.80 -19.24
CA ALA B 173 29.85 -17.32 -18.03
C ALA B 173 30.58 -16.93 -16.75
N PRO B 174 31.91 -17.03 -16.65
CA PRO B 174 32.57 -16.55 -15.42
C PRO B 174 32.68 -15.03 -15.36
N LEU B 175 32.72 -14.36 -16.50
CA LEU B 175 32.99 -12.92 -16.51
C LEU B 175 31.79 -12.10 -16.07
N ILE B 176 30.58 -12.55 -16.37
CA ILE B 176 29.39 -11.78 -16.01
C ILE B 176 29.25 -11.60 -14.50
N PRO B 177 29.35 -12.64 -13.67
CA PRO B 177 29.29 -12.40 -12.22
C PRO B 177 30.53 -11.76 -11.65
N LEU B 178 31.66 -11.84 -12.36
CA LEU B 178 32.88 -11.19 -11.88
C LEU B 178 32.78 -9.67 -12.04
N PHE B 179 32.29 -9.21 -13.18
CA PHE B 179 32.19 -7.77 -13.41
C PHE B 179 31.03 -7.17 -12.64
N MET B 180 29.98 -7.95 -12.37
CA MET B 180 28.90 -7.45 -11.53
C MET B 180 29.37 -7.19 -10.10
N ALA B 181 30.33 -7.99 -9.62
CA ALA B 181 30.87 -7.76 -8.28
C ALA B 181 31.67 -6.45 -8.24
N LEU B 182 32.46 -6.18 -9.27
CA LEU B 182 33.22 -4.93 -9.31
C LEU B 182 32.30 -3.72 -9.31
N VAL B 183 31.21 -3.79 -10.09
CA VAL B 183 30.23 -2.71 -10.07
C VAL B 183 29.34 -2.83 -8.83
N GLY B 184 29.29 -4.00 -8.22
CA GLY B 184 28.52 -4.17 -6.99
C GLY B 184 29.16 -3.53 -5.78
N MET B 185 30.47 -3.32 -5.79
CA MET B 185 31.11 -2.61 -4.68
C MET B 185 30.73 -1.13 -4.69
N GLY B 186 30.77 -0.50 -5.87
CA GLY B 186 30.36 0.89 -5.96
C GLY B 186 28.87 1.06 -5.68
N ALA B 187 28.05 0.10 -6.08
CA ALA B 187 26.62 0.20 -5.86
C ALA B 187 26.28 0.08 -4.39
N ALA B 188 26.84 -0.91 -3.69
CA ALA B 188 26.55 -1.07 -2.27
C ALA B 188 27.13 0.06 -1.44
N ASP B 189 28.14 0.75 -1.95
CA ASP B 189 28.63 1.95 -1.26
C ASP B 189 27.60 3.06 -1.30
N ALA B 190 26.90 3.22 -2.43
CA ALA B 190 25.89 4.26 -2.55
C ALA B 190 24.55 3.84 -1.96
N ASN B 191 24.40 2.56 -1.62
CA ASN B 191 23.14 2.03 -1.03
C ASN B 191 23.17 2.20 0.50
N ARG B 192 24.32 2.57 1.07
CA ARG B 192 24.42 2.81 2.51
C ARG B 192 24.64 4.28 2.82
N ARG B 193 25.36 4.99 1.95
CA ARG B 193 25.50 6.44 2.12
C ARG B 193 24.17 7.14 1.94
N ASN B 194 23.40 6.73 0.92
CA ASN B 194 22.13 7.36 0.59
C ASN B 194 20.93 6.61 1.16
N PHE B 195 21.16 5.63 2.02
CA PHE B 195 20.03 4.86 2.54
C PHE B 195 19.22 5.66 3.54
N LEU B 196 19.89 6.38 4.45
CA LEU B 196 19.16 7.16 5.45
C LEU B 196 18.40 8.31 4.80
N ALA B 197 19.07 9.07 3.93
CA ALA B 197 18.43 10.22 3.32
C ALA B 197 17.25 9.82 2.46
N LEU B 198 17.37 8.72 1.72
CA LEU B 198 16.26 8.27 0.87
C LEU B 198 15.17 7.56 1.64
N ALA B 199 15.41 7.24 2.92
CA ALA B 199 14.34 6.68 3.74
C ALA B 199 13.44 7.79 4.30
N ARG B 200 14.02 8.94 4.60
CA ARG B 200 13.26 10.08 5.11
C ARG B 200 12.78 11.01 4.01
N LEU B 201 13.19 10.80 2.76
CA LEU B 201 12.66 11.55 1.63
C LEU B 201 11.57 10.80 0.89
N SER B 202 11.55 9.47 0.98
CA SER B 202 10.51 8.71 0.32
C SER B 202 9.15 8.96 0.96
N GLY B 203 9.11 9.08 2.29
CA GLY B 203 7.87 9.34 2.99
C GLY B 203 7.64 10.80 3.25
N HIS B 204 8.31 11.65 2.48
CA HIS B 204 8.16 13.10 2.67
C HIS B 204 6.83 13.60 2.11
N PHE B 205 6.42 13.11 0.94
CA PHE B 205 5.18 13.57 0.35
C PHE B 205 3.99 13.19 1.20
N LEU B 206 3.85 11.91 1.54
CA LEU B 206 2.76 11.48 2.42
C LEU B 206 2.83 12.19 3.76
N ASP B 207 4.02 12.55 4.20
CA ASP B 207 4.17 13.34 5.42
C ASP B 207 3.53 14.71 5.28
N ARG B 208 3.85 15.42 4.20
CA ARG B 208 3.26 16.74 4.00
C ARG B 208 1.81 16.63 3.55
N LEU B 209 1.49 15.58 2.80
CA LEU B 209 0.12 15.39 2.33
C LEU B 209 -0.82 15.11 3.48
N ARG B 210 -0.43 14.23 4.41
CA ARG B 210 -1.08 14.20 5.71
C ARG B 210 -0.68 15.46 6.48
N GLY B 211 -1.50 15.82 7.46
CA GLY B 211 -1.21 17.06 8.16
C GLY B 211 -1.24 18.27 7.25
N MET B 212 -2.16 18.30 6.29
CA MET B 212 -2.44 19.54 5.57
C MET B 212 -3.29 20.48 6.41
N GLU B 213 -3.95 19.94 7.44
CA GLU B 213 -4.74 20.76 8.34
C GLU B 213 -3.86 21.64 9.21
N THR B 214 -2.65 21.16 9.55
CA THR B 214 -1.70 21.99 10.28
C THR B 214 -1.01 22.99 9.36
N LEU B 215 -0.89 22.67 8.07
CA LEU B 215 -0.22 23.57 7.14
C LEU B 215 -1.09 24.77 6.82
N ARG B 216 -2.41 24.58 6.74
CA ARG B 216 -3.30 25.69 6.41
C ARG B 216 -3.43 26.66 7.59
N ILE B 217 -3.59 26.13 8.80
CA ILE B 217 -3.89 26.98 9.95
C ILE B 217 -2.72 27.89 10.30
N PHE B 218 -1.54 27.62 9.75
CA PHE B 218 -0.38 28.47 9.92
C PHE B 218 0.02 29.21 8.66
N GLY B 219 -0.69 28.98 7.55
CA GLY B 219 -0.42 29.69 6.32
C GLY B 219 0.75 29.18 5.52
N ARG B 220 1.26 27.98 5.84
CA ARG B 220 2.43 27.43 5.18
C ARG B 220 2.08 26.58 3.98
N GLY B 221 0.90 26.79 3.38
CA GLY B 221 0.53 26.01 2.22
C GLY B 221 1.37 26.33 0.99
N GLU B 222 1.66 27.61 0.78
CA GLU B 222 2.46 28.01 -0.36
C GLU B 222 3.96 27.83 -0.13
N ALA B 223 4.38 27.66 1.11
CA ALA B 223 5.79 27.49 1.41
C ALA B 223 6.18 26.03 1.60
N GLU B 224 5.22 25.12 1.65
CA GLU B 224 5.52 23.70 1.62
C GLU B 224 5.39 23.12 0.23
N ILE B 225 5.01 23.93 -0.77
CA ILE B 225 5.20 23.52 -2.15
C ILE B 225 6.68 23.57 -2.52
N GLU B 226 7.40 24.57 -1.98
CA GLU B 226 8.83 24.63 -2.22
C GLU B 226 9.55 23.47 -1.53
N SER B 227 9.09 23.07 -0.35
CA SER B 227 9.69 21.91 0.32
C SER B 227 9.50 20.65 -0.50
N ILE B 228 8.32 20.45 -1.07
CA ILE B 228 8.09 19.32 -1.96
C ILE B 228 8.96 19.44 -3.19
N ARG B 229 9.27 20.66 -3.61
CA ARG B 229 10.14 20.85 -4.76
C ARG B 229 11.59 20.50 -4.43
N SER B 230 12.00 20.73 -3.18
CA SER B 230 13.36 20.42 -2.78
C SER B 230 13.51 18.98 -2.33
N ALA B 231 12.44 18.39 -1.79
CA ALA B 231 12.49 16.98 -1.41
C ALA B 231 12.33 16.07 -2.62
N SER B 232 11.84 16.62 -3.73
CA SER B 232 11.75 15.83 -4.96
C SER B 232 12.98 15.99 -5.83
N GLU B 233 13.62 17.16 -5.77
CA GLU B 233 14.88 17.36 -6.48
C GLU B 233 16.04 16.68 -5.77
N ASP B 234 15.93 16.49 -4.46
CA ASP B 234 16.98 15.81 -3.71
C ASP B 234 16.80 14.30 -3.73
N PHE B 235 15.57 13.83 -3.87
CA PHE B 235 15.33 12.40 -4.01
C PHE B 235 15.70 11.91 -5.40
N ARG B 236 15.57 12.78 -6.41
CA ARG B 236 16.00 12.42 -7.75
C ARG B 236 17.52 12.35 -7.84
N GLN B 237 18.21 13.35 -7.30
CA GLN B 237 19.67 13.38 -7.40
C GLN B 237 20.31 12.20 -6.69
N ARG B 238 19.76 11.82 -5.54
CA ARG B 238 20.33 10.70 -4.80
C ARG B 238 20.01 9.37 -5.48
N THR B 239 18.78 9.22 -5.98
CA THR B 239 18.43 7.99 -6.68
C THR B 239 19.19 7.87 -8.00
N MET B 240 19.36 8.99 -8.72
CA MET B 240 20.13 8.96 -9.94
C MET B 240 21.61 8.69 -9.68
N GLU B 241 22.07 8.76 -8.44
CA GLU B 241 23.40 8.29 -8.11
C GLU B 241 23.40 6.78 -7.90
N VAL B 242 22.36 6.26 -7.26
CA VAL B 242 22.22 4.82 -7.10
C VAL B 242 22.01 4.15 -8.44
N LEU B 243 21.28 4.81 -9.34
CA LEU B 243 20.89 4.19 -10.60
C LEU B 243 21.99 4.20 -11.65
N ARG B 244 22.97 5.10 -11.54
CA ARG B 244 24.11 5.04 -12.45
C ARG B 244 24.91 3.76 -12.26
N LEU B 245 24.76 3.11 -11.10
CA LEU B 245 25.45 1.86 -10.82
C LEU B 245 24.53 0.66 -10.93
N ALA B 246 23.22 0.83 -10.74
CA ALA B 246 22.30 -0.28 -10.91
C ALA B 246 22.02 -0.56 -12.38
N PHE B 247 22.20 0.44 -13.24
CA PHE B 247 22.08 0.24 -14.67
C PHE B 247 23.42 -0.09 -15.33
N LEU B 248 24.50 -0.05 -14.57
CA LEU B 248 25.78 -0.52 -15.08
C LEU B 248 25.90 -2.02 -14.89
N SER B 249 25.44 -2.54 -13.74
CA SER B 249 25.42 -3.98 -13.53
C SER B 249 24.45 -4.66 -14.48
N SER B 250 23.28 -4.05 -14.70
CA SER B 250 22.34 -4.60 -15.67
C SER B 250 22.91 -4.56 -17.08
N GLY B 251 23.59 -3.46 -17.43
CA GLY B 251 24.12 -3.31 -18.78
C GLY B 251 25.38 -4.10 -19.05
N ILE B 252 25.94 -4.74 -18.02
CA ILE B 252 27.06 -5.67 -18.25
C ILE B 252 26.57 -6.90 -18.98
N LEU B 253 25.43 -7.46 -18.55
CA LEU B 253 24.85 -8.58 -19.26
C LEU B 253 24.47 -8.21 -20.69
N GLU B 254 24.02 -6.97 -20.90
CA GLU B 254 23.78 -6.49 -22.26
C GLU B 254 25.07 -6.24 -23.02
N PHE B 255 26.19 -6.04 -22.32
CA PHE B 255 27.46 -5.91 -23.01
C PHE B 255 27.98 -7.25 -23.51
N PHE B 256 27.82 -8.30 -22.71
CA PHE B 256 28.34 -9.61 -23.09
C PHE B 256 27.40 -10.37 -24.01
N THR B 257 26.13 -9.96 -24.11
CA THR B 257 25.24 -10.63 -25.05
C THR B 257 25.38 -10.07 -26.46
N SER B 258 26.01 -8.91 -26.60
CA SER B 258 26.26 -8.34 -27.91
C SER B 258 27.70 -8.53 -28.33
N LEU B 259 28.63 -8.63 -27.37
CA LEU B 259 29.97 -9.09 -27.69
C LEU B 259 29.95 -10.53 -28.18
N SER B 260 29.09 -11.36 -27.59
CA SER B 260 28.98 -12.75 -28.02
C SER B 260 28.41 -12.86 -29.43
N ILE B 261 27.39 -12.06 -29.74
CA ILE B 261 26.84 -12.08 -31.09
C ILE B 261 27.83 -11.49 -32.08
N ALA B 262 28.52 -10.42 -31.68
CA ALA B 262 29.53 -9.85 -32.56
C ALA B 262 30.68 -10.82 -32.81
N LEU B 263 31.14 -11.50 -31.75
CA LEU B 263 32.24 -12.44 -31.91
C LEU B 263 31.82 -13.66 -32.73
N VAL B 264 30.61 -14.18 -32.48
CA VAL B 264 30.13 -15.31 -33.25
C VAL B 264 30.00 -14.95 -34.72
N ALA B 265 29.44 -13.77 -35.01
CA ALA B 265 29.29 -13.35 -36.40
C ALA B 265 30.63 -13.13 -37.07
N VAL B 266 31.57 -12.51 -36.36
CA VAL B 266 32.89 -12.24 -36.95
C VAL B 266 33.69 -13.53 -37.10
N TYR B 267 33.69 -14.38 -36.07
CA TYR B 267 34.46 -15.62 -36.15
C TYR B 267 33.95 -16.51 -37.26
N PHE B 268 32.63 -16.68 -37.36
CA PHE B 268 32.08 -17.51 -38.42
C PHE B 268 32.28 -16.88 -39.79
N GLY B 269 32.02 -15.57 -39.90
CA GLY B 269 32.19 -14.90 -41.17
C GLY B 269 33.62 -14.96 -41.69
N PHE B 270 34.58 -14.78 -40.78
CA PHE B 270 35.98 -14.89 -41.18
C PHE B 270 36.39 -16.33 -41.43
N SER B 271 35.81 -17.27 -40.68
CA SER B 271 36.14 -18.68 -40.86
C SER B 271 35.69 -19.20 -42.22
N TYR B 272 34.51 -18.77 -42.68
CA TYR B 272 34.06 -19.16 -44.01
C TYR B 272 34.93 -18.57 -45.12
N LEU B 273 35.63 -17.48 -44.83
CA LEU B 273 36.53 -16.86 -45.80
C LEU B 273 37.92 -17.45 -45.78
N GLY B 274 38.33 -18.09 -44.68
CA GLY B 274 39.62 -18.74 -44.60
C GLY B 274 40.60 -18.12 -43.65
N GLU B 275 40.31 -16.96 -43.07
CA GLU B 275 41.23 -16.32 -42.13
C GLU B 275 41.41 -17.16 -40.88
N LEU B 276 40.32 -17.70 -40.34
CA LEU B 276 40.31 -18.43 -39.09
C LEU B 276 39.88 -19.87 -39.34
N ASP B 277 40.64 -20.83 -38.80
CA ASP B 277 40.30 -22.23 -38.96
C ASP B 277 40.58 -23.05 -37.70
N PHE B 278 40.44 -22.47 -36.52
CA PHE B 278 40.82 -23.20 -35.30
C PHE B 278 39.62 -23.89 -34.66
N GLY B 279 38.41 -23.38 -34.91
CA GLY B 279 37.25 -23.88 -34.17
C GLY B 279 36.80 -25.25 -34.62
N HIS B 280 36.67 -25.45 -35.93
CA HIS B 280 36.05 -26.67 -36.44
C HIS B 280 36.94 -27.88 -36.19
N TYR B 281 36.29 -29.05 -36.09
CA TYR B 281 36.98 -30.32 -35.83
C TYR B 281 37.55 -30.90 -37.12
N ASP B 282 38.52 -30.18 -37.70
CA ASP B 282 39.23 -30.58 -38.91
C ASP B 282 38.30 -30.78 -40.10
N THR B 283 37.04 -30.40 -39.98
CA THR B 283 36.07 -30.44 -41.07
C THR B 283 35.56 -29.04 -41.31
N GLY B 284 35.55 -28.61 -42.57
CA GLY B 284 35.17 -27.25 -42.91
C GLY B 284 33.86 -26.82 -42.29
N VAL B 285 33.88 -25.68 -41.60
CA VAL B 285 32.69 -25.22 -40.91
C VAL B 285 31.60 -24.88 -41.91
N THR B 286 30.40 -25.35 -41.65
CA THR B 286 29.28 -25.20 -42.57
C THR B 286 28.43 -23.99 -42.20
N LEU B 287 27.61 -23.55 -43.15
CA LEU B 287 26.70 -22.45 -42.90
C LEU B 287 25.70 -22.81 -41.80
N ALA B 288 25.20 -24.05 -41.85
CA ALA B 288 24.25 -24.50 -40.83
C ALA B 288 24.86 -24.51 -39.44
N ALA B 289 26.18 -24.63 -39.32
CA ALA B 289 26.83 -24.59 -38.02
C ALA B 289 27.00 -23.17 -37.51
N GLY B 290 26.86 -22.17 -38.38
CA GLY B 290 26.98 -20.79 -37.96
C GLY B 290 25.64 -20.17 -37.64
N PHE B 291 24.58 -20.69 -38.26
CA PHE B 291 23.24 -20.24 -37.94
C PHE B 291 22.77 -20.82 -36.61
N LEU B 292 23.16 -22.04 -36.30
CA LEU B 292 22.82 -22.63 -35.00
C LEU B 292 23.41 -21.80 -33.87
N ALA B 293 24.66 -21.35 -34.02
CA ALA B 293 25.30 -20.57 -32.97
C ALA B 293 24.80 -19.13 -32.94
N LEU B 294 24.42 -18.57 -34.09
CA LEU B 294 23.95 -17.18 -34.11
C LEU B 294 22.52 -17.07 -33.60
N ILE B 295 21.68 -18.04 -33.93
CA ILE B 295 20.31 -18.04 -33.43
C ILE B 295 20.29 -18.27 -31.92
N LEU B 296 21.19 -19.13 -31.44
CA LEU B 296 21.24 -19.48 -30.02
C LEU B 296 22.04 -18.49 -29.18
N ALA B 297 22.81 -17.61 -29.80
CA ALA B 297 23.57 -16.64 -29.02
C ALA B 297 22.68 -15.68 -28.22
N PRO B 298 21.59 -15.11 -28.76
CA PRO B 298 20.70 -14.34 -27.90
C PRO B 298 19.89 -15.20 -26.94
N GLU B 299 19.53 -16.43 -27.35
CA GLU B 299 18.81 -17.32 -26.44
C GLU B 299 19.66 -17.81 -25.28
N PHE B 300 20.99 -17.69 -25.40
CA PHE B 300 21.86 -18.08 -24.30
C PHE B 300 21.76 -17.10 -23.14
N PHE B 301 21.64 -15.80 -23.43
CA PHE B 301 21.61 -14.78 -22.41
C PHE B 301 20.21 -14.36 -22.00
N GLN B 302 19.19 -14.81 -22.70
CA GLN B 302 17.81 -14.48 -22.32
C GLN B 302 17.43 -15.00 -20.95
N PRO B 303 17.70 -16.27 -20.58
CA PRO B 303 17.37 -16.70 -19.21
C PRO B 303 18.01 -15.86 -18.13
N LEU B 304 19.27 -15.44 -18.33
CA LEU B 304 19.91 -14.60 -17.32
C LEU B 304 19.38 -13.18 -17.34
N ARG B 305 18.82 -12.75 -18.48
CA ARG B 305 18.25 -11.41 -18.55
C ARG B 305 16.89 -11.35 -17.86
N ASP B 306 16.05 -12.36 -18.08
CA ASP B 306 14.77 -12.44 -17.38
C ASP B 306 14.97 -12.54 -15.88
N LEU B 307 15.96 -13.34 -15.46
CA LEU B 307 16.28 -13.45 -14.04
C LEU B 307 16.59 -12.10 -13.42
N GLY B 308 17.19 -11.19 -14.18
CA GLY B 308 17.47 -9.86 -13.67
C GLY B 308 16.21 -9.08 -13.37
N THR B 309 15.19 -9.24 -14.21
CA THR B 309 13.94 -8.51 -13.99
C THR B 309 13.15 -9.12 -12.84
N PHE B 310 13.13 -10.44 -12.72
CA PHE B 310 12.42 -11.11 -11.65
C PHE B 310 13.19 -11.12 -10.33
N TYR B 311 14.42 -10.61 -10.32
CA TYR B 311 15.23 -10.66 -9.10
C TYR B 311 14.72 -9.71 -8.02
N HIS B 312 13.97 -8.68 -8.39
CA HIS B 312 13.40 -7.78 -7.40
C HIS B 312 12.41 -8.51 -6.50
N ALA B 313 11.80 -9.58 -7.01
CA ALA B 313 10.86 -10.36 -6.21
C ALA B 313 11.60 -11.17 -5.15
N LYS B 314 12.89 -11.45 -5.37
CA LYS B 314 13.68 -12.12 -4.35
C LYS B 314 13.81 -11.29 -3.09
N ALA B 315 14.02 -9.98 -3.25
CA ALA B 315 14.24 -9.12 -2.10
C ALA B 315 12.94 -8.86 -1.32
N GLN B 316 11.83 -8.64 -2.01
CA GLN B 316 10.59 -8.34 -1.31
C GLN B 316 10.00 -9.58 -0.66
N ALA B 317 10.29 -10.77 -1.20
CA ALA B 317 9.82 -11.98 -0.55
C ALA B 317 10.65 -12.32 0.67
N VAL B 318 11.84 -11.75 0.79
CA VAL B 318 12.64 -11.92 2.01
C VAL B 318 12.22 -10.90 3.06
N GLY B 319 11.98 -9.66 2.64
CA GLY B 319 11.44 -8.67 3.56
C GLY B 319 10.06 -9.06 4.07
N ALA B 320 9.22 -9.59 3.19
CA ALA B 320 7.92 -10.09 3.63
C ALA B 320 8.03 -11.37 4.42
N ALA B 321 9.16 -12.08 4.31
CA ALA B 321 9.40 -13.23 5.16
C ALA B 321 9.95 -12.85 6.52
N ASP B 322 10.45 -11.62 6.67
CA ASP B 322 10.86 -11.15 7.98
C ASP B 322 9.66 -10.86 8.86
N SER B 323 8.66 -10.17 8.31
CA SER B 323 7.44 -9.89 9.06
C SER B 323 6.67 -11.16 9.38
N LEU B 324 6.62 -12.09 8.43
CA LEU B 324 5.82 -13.31 8.62
C LEU B 324 6.52 -14.28 9.55
N LYS B 325 7.84 -14.42 9.44
CA LYS B 325 8.54 -15.39 10.27
C LYS B 325 8.49 -14.99 11.75
N THR B 326 8.84 -13.74 12.06
CA THR B 326 8.80 -13.31 13.44
C THR B 326 7.39 -13.40 14.01
N PHE B 327 6.37 -13.24 13.18
CA PHE B 327 5.00 -13.42 13.63
C PHE B 327 4.75 -14.87 14.06
N MET B 328 5.31 -15.83 13.32
CA MET B 328 5.13 -17.23 13.67
C MET B 328 6.13 -17.72 14.71
N GLU B 329 7.14 -16.94 15.04
CA GLU B 329 8.11 -17.33 16.05
C GLU B 329 7.95 -16.59 17.37
N THR B 330 6.96 -15.72 17.50
CA THR B 330 6.66 -15.12 18.79
C THR B 330 6.08 -16.19 19.70
N PRO B 331 6.66 -16.45 20.87
CA PRO B 331 6.02 -17.35 21.82
C PRO B 331 4.71 -16.76 22.31
N LEU B 332 3.71 -17.62 22.47
CA LEU B 332 2.38 -17.18 22.86
C LEU B 332 1.87 -18.00 24.03
N ALA B 333 1.36 -17.32 25.04
CA ALA B 333 0.65 -17.94 26.15
C ALA B 333 -0.83 -17.67 25.96
N HIS B 334 -1.59 -18.72 25.67
CA HIS B 334 -3.01 -18.63 25.37
C HIS B 334 -3.77 -19.58 26.28
N PRO B 335 -5.05 -19.30 26.52
CA PRO B 335 -5.80 -20.08 27.51
C PRO B 335 -5.85 -21.57 27.16
N GLN B 336 -5.79 -22.40 28.19
CA GLN B 336 -5.82 -23.84 28.00
C GLN B 336 -7.19 -24.28 27.50
N ARG B 337 -7.20 -25.13 26.47
CA ARG B 337 -8.43 -25.68 25.92
C ARG B 337 -8.98 -26.72 26.90
N GLY B 338 -10.11 -26.40 27.52
CA GLY B 338 -10.71 -27.33 28.44
C GLY B 338 -11.61 -28.34 27.75
N GLU B 339 -12.23 -29.19 28.57
CA GLU B 339 -13.12 -30.22 28.07
C GLU B 339 -14.43 -30.31 28.86
N ALA B 340 -14.48 -29.73 30.05
CA ALA B 340 -15.69 -29.78 30.87
C ALA B 340 -16.76 -28.85 30.30
N GLU B 341 -17.98 -29.00 30.83
CA GLU B 341 -19.13 -28.21 30.40
C GLU B 341 -19.90 -27.75 31.63
N LEU B 342 -20.93 -26.93 31.39
CA LEU B 342 -21.78 -26.40 32.45
C LEU B 342 -23.02 -27.27 32.55
N ALA B 343 -23.35 -27.69 33.77
CA ALA B 343 -24.52 -28.55 33.98
C ALA B 343 -25.81 -27.79 33.70
N SER B 344 -25.88 -26.52 34.10
CA SER B 344 -27.11 -25.75 34.02
C SER B 344 -26.82 -24.35 33.49
N THR B 345 -27.87 -23.72 32.97
CA THR B 345 -27.81 -22.34 32.51
C THR B 345 -28.23 -21.35 33.58
N ASP B 346 -28.47 -21.82 34.80
CA ASP B 346 -28.77 -20.98 35.95
C ASP B 346 -27.55 -20.08 36.19
N PRO B 347 -27.76 -18.80 36.49
CA PRO B 347 -26.63 -17.89 36.69
C PRO B 347 -25.58 -18.44 37.64
N VAL B 348 -24.31 -18.22 37.29
CA VAL B 348 -23.18 -18.91 37.89
C VAL B 348 -22.57 -18.07 39.01
N THR B 349 -21.73 -18.70 39.81
CA THR B 349 -21.05 -18.06 40.93
C THR B 349 -19.55 -18.01 40.62
N ILE B 350 -18.98 -16.82 40.71
CA ILE B 350 -17.56 -16.63 40.43
C ILE B 350 -16.77 -16.69 41.73
N GLU B 351 -15.59 -17.31 41.69
CA GLU B 351 -14.72 -17.40 42.85
C GLU B 351 -13.28 -17.30 42.38
N ALA B 352 -12.45 -16.58 43.15
CA ALA B 352 -11.05 -16.39 42.80
C ALA B 352 -10.20 -16.33 44.05
N GLU B 353 -9.01 -16.91 43.99
CA GLU B 353 -8.02 -16.86 45.07
C GLU B 353 -6.63 -16.78 44.48
N GLU B 354 -5.89 -15.72 44.85
CA GLU B 354 -4.49 -15.45 44.39
C GLU B 354 -4.44 -15.67 42.88
N LEU B 355 -5.16 -14.83 42.14
CA LEU B 355 -5.34 -14.99 40.69
C LEU B 355 -4.40 -14.04 39.96
N PHE B 356 -3.59 -14.58 39.06
CA PHE B 356 -2.69 -13.80 38.20
C PHE B 356 -3.14 -13.95 36.76
N ILE B 357 -3.26 -12.84 36.06
CA ILE B 357 -3.72 -12.83 34.67
C ILE B 357 -2.52 -12.54 33.79
N THR B 358 -2.22 -13.46 32.87
CA THR B 358 -1.01 -13.35 32.06
C THR B 358 -1.33 -12.91 30.64
N SER B 359 -0.67 -11.85 30.20
CA SER B 359 -0.79 -11.36 28.84
C SER B 359 -0.21 -12.38 27.87
N PRO B 360 -0.63 -12.34 26.59
CA PRO B 360 0.05 -13.17 25.60
C PRO B 360 1.53 -12.87 25.49
N GLU B 361 1.93 -11.62 25.73
CA GLU B 361 3.36 -11.30 25.80
C GLU B 361 4.05 -12.09 26.90
N GLY B 362 3.37 -12.31 28.02
CA GLY B 362 3.92 -13.05 29.15
C GLY B 362 3.89 -12.31 30.47
N LYS B 363 3.56 -11.03 30.49
CA LYS B 363 3.53 -10.25 31.72
C LYS B 363 2.20 -10.43 32.44
N THR B 364 2.17 -10.06 33.72
CA THR B 364 0.99 -10.17 34.55
C THR B 364 0.32 -8.80 34.64
N LEU B 365 -0.93 -8.73 34.21
CA LEU B 365 -1.64 -7.45 34.21
C LEU B 365 -2.30 -7.19 35.55
N ALA B 366 -2.99 -8.20 36.09
CA ALA B 366 -3.67 -8.10 37.37
C ALA B 366 -2.96 -8.96 38.40
N GLY B 367 -2.53 -8.33 39.48
CA GLY B 367 -1.81 -9.02 40.53
C GLY B 367 -2.69 -9.95 41.31
N PRO B 368 -2.18 -10.43 42.45
CA PRO B 368 -2.94 -11.40 43.25
C PRO B 368 -4.23 -10.78 43.78
N LEU B 369 -5.35 -11.27 43.27
CA LEU B 369 -6.67 -10.74 43.63
C LEU B 369 -7.60 -11.90 43.93
N ASN B 370 -8.33 -11.81 45.04
CA ASN B 370 -9.27 -12.87 45.48
C ASN B 370 -10.64 -12.23 45.74
N PHE B 371 -11.70 -12.83 45.18
CA PHE B 371 -13.06 -12.32 45.34
C PHE B 371 -14.04 -13.45 45.13
N THR B 372 -15.24 -13.31 45.68
CA THR B 372 -16.32 -14.25 45.45
C THR B 372 -17.55 -13.48 44.98
N LEU B 373 -18.21 -14.00 43.94
CA LEU B 373 -19.41 -13.39 43.40
C LEU B 373 -20.55 -14.38 43.45
N PRO B 374 -21.50 -14.23 44.38
CA PRO B 374 -22.59 -15.20 44.47
C PRO B 374 -23.50 -15.16 43.25
N ALA B 375 -24.23 -16.24 43.05
CA ALA B 375 -25.02 -16.41 41.84
C ALA B 375 -26.07 -15.31 41.69
N GLY B 376 -26.14 -14.74 40.50
CA GLY B 376 -27.19 -13.79 40.15
C GLY B 376 -27.18 -12.50 40.93
N GLN B 377 -26.00 -11.94 41.20
CA GLN B 377 -25.88 -10.65 41.88
C GLN B 377 -24.94 -9.75 41.10
N ARG B 378 -25.48 -8.63 40.61
CA ARG B 378 -24.66 -7.63 39.96
C ARG B 378 -23.55 -7.15 40.88
N ALA B 379 -22.39 -6.87 40.30
CA ALA B 379 -21.25 -6.36 41.06
C ALA B 379 -20.40 -5.48 40.15
N VAL B 380 -20.36 -4.20 40.44
CA VAL B 380 -19.66 -3.22 39.61
C VAL B 380 -18.20 -3.18 40.04
N LEU B 381 -17.31 -3.02 39.08
CA LEU B 381 -15.87 -3.03 39.31
C LEU B 381 -15.29 -1.72 38.81
N VAL B 382 -15.07 -0.78 39.72
CA VAL B 382 -14.61 0.56 39.39
C VAL B 382 -13.21 0.75 39.94
N GLY B 383 -12.36 1.45 39.19
CA GLY B 383 -10.99 1.64 39.62
C GLY B 383 -10.29 2.69 38.77
N ARG B 384 -9.03 2.90 39.10
CA ARG B 384 -8.21 3.86 38.36
C ARG B 384 -7.90 3.34 36.96
N SER B 385 -7.65 4.26 36.03
CA SER B 385 -7.31 3.86 34.68
C SER B 385 -5.95 3.16 34.65
N GLY B 386 -5.83 2.16 33.78
CA GLY B 386 -4.60 1.44 33.62
C GLY B 386 -4.26 0.47 34.73
N SER B 387 -5.20 0.19 35.63
CA SER B 387 -4.94 -0.67 36.78
C SER B 387 -5.39 -2.11 36.56
N GLY B 388 -5.52 -2.55 35.31
CA GLY B 388 -5.91 -3.92 35.04
C GLY B 388 -7.35 -4.26 35.35
N LYS B 389 -8.22 -3.25 35.41
CA LYS B 389 -9.63 -3.52 35.71
C LYS B 389 -10.33 -4.20 34.55
N SER B 390 -9.87 -3.93 33.32
CA SER B 390 -10.49 -4.55 32.16
C SER B 390 -9.92 -5.94 31.91
N SER B 391 -8.78 -6.25 32.53
CA SER B 391 -8.15 -7.55 32.31
C SER B 391 -8.96 -8.67 32.95
N LEU B 392 -9.65 -8.38 34.05
CA LEU B 392 -10.47 -9.41 34.70
C LEU B 392 -11.66 -9.78 33.84
N LEU B 393 -12.20 -8.82 33.09
CA LEU B 393 -13.29 -9.13 32.18
C LEU B 393 -12.81 -10.05 31.06
N ASN B 394 -11.61 -9.80 30.53
CA ASN B 394 -11.07 -10.66 29.49
C ASN B 394 -10.80 -12.06 30.00
N ALA B 395 -10.24 -12.16 31.21
CA ALA B 395 -9.93 -13.48 31.77
C ALA B 395 -11.19 -14.30 32.01
N LEU B 396 -12.31 -13.64 32.35
CA LEU B 396 -13.56 -14.37 32.51
C LEU B 396 -14.14 -14.77 31.16
N SER B 397 -13.86 -14.01 30.11
CA SER B 397 -14.32 -14.38 28.78
C SER B 397 -13.51 -15.51 28.16
N GLY B 398 -12.33 -15.78 28.70
CA GLY B 398 -11.46 -16.79 28.13
C GLY B 398 -10.44 -16.27 27.15
N PHE B 399 -10.21 -14.95 27.10
CA PHE B 399 -9.26 -14.38 26.16
C PHE B 399 -7.84 -14.34 26.72
N LEU B 400 -7.69 -14.33 28.03
CA LEU B 400 -6.39 -14.27 28.68
C LEU B 400 -6.17 -15.52 29.52
N SER B 401 -4.93 -16.00 29.52
CA SER B 401 -4.56 -17.16 30.32
C SER B 401 -4.12 -16.71 31.70
N TYR B 402 -4.57 -17.44 32.72
CA TYR B 402 -4.33 -17.08 34.11
C TYR B 402 -3.66 -18.24 34.83
N GLN B 403 -2.64 -17.93 35.62
CA GLN B 403 -2.10 -18.88 36.58
C GLN B 403 -2.64 -18.52 37.97
N GLY B 404 -3.31 -19.47 38.60
CA GLY B 404 -4.03 -19.24 39.83
C GLY B 404 -5.27 -20.10 39.87
N SER B 405 -6.28 -19.64 40.60
CA SER B 405 -7.53 -20.36 40.74
C SER B 405 -8.70 -19.44 40.38
N LEU B 406 -9.39 -19.75 39.29
CA LEU B 406 -10.61 -19.06 38.89
C LEU B 406 -11.63 -20.11 38.47
N ARG B 407 -12.57 -20.42 39.35
CA ARG B 407 -13.55 -21.45 39.05
C ARG B 407 -14.93 -20.83 38.87
N ILE B 408 -15.60 -21.26 37.82
CA ILE B 408 -16.93 -20.77 37.46
C ILE B 408 -17.95 -21.79 37.92
N ASN B 409 -18.77 -21.40 38.91
CA ASN B 409 -19.79 -22.28 39.46
C ASN B 409 -19.17 -23.56 40.02
N GLY B 410 -18.01 -23.44 40.64
CA GLY B 410 -17.32 -24.57 41.23
C GLY B 410 -16.44 -25.36 40.29
N ILE B 411 -16.32 -24.96 39.03
CA ILE B 411 -15.50 -25.65 38.04
C ILE B 411 -14.44 -24.69 37.55
N GLU B 412 -13.18 -25.13 37.60
CA GLU B 412 -12.07 -24.28 37.17
C GLU B 412 -12.25 -23.89 35.71
N LEU B 413 -12.01 -22.60 35.41
CA LEU B 413 -12.28 -22.08 34.08
C LEU B 413 -11.37 -22.71 33.04
N ARG B 414 -10.19 -23.19 33.44
CA ARG B 414 -9.31 -23.87 32.49
C ARG B 414 -9.96 -25.14 31.95
N ASP B 415 -10.70 -25.86 32.80
CA ASP B 415 -11.28 -27.12 32.38
C ASP B 415 -12.49 -26.92 31.48
N LEU B 416 -13.07 -25.73 31.50
CA LEU B 416 -14.29 -25.48 30.74
C LEU B 416 -13.99 -25.31 29.26
N SER B 417 -14.75 -26.00 28.42
CA SER B 417 -14.58 -25.91 26.98
C SER B 417 -15.05 -24.55 26.48
N PRO B 418 -14.18 -23.77 25.83
CA PRO B 418 -14.61 -22.43 25.38
C PRO B 418 -15.79 -22.44 24.44
N GLU B 419 -15.88 -23.45 23.56
CA GLU B 419 -17.02 -23.51 22.60
C GLU B 419 -18.34 -23.56 23.37
N SER B 420 -18.37 -24.23 24.53
CA SER B 420 -19.60 -24.41 25.30
C SER B 420 -19.67 -23.50 26.53
N TRP B 421 -18.54 -22.94 26.97
CA TRP B 421 -18.58 -21.98 28.06
C TRP B 421 -19.18 -20.67 27.60
N ARG B 422 -18.79 -20.20 26.41
CA ARG B 422 -19.28 -18.94 25.88
C ARG B 422 -20.72 -19.01 25.39
N LYS B 423 -21.40 -20.14 25.56
CA LYS B 423 -22.82 -20.18 25.29
C LYS B 423 -23.62 -19.53 26.41
N HIS B 424 -23.03 -19.45 27.61
CA HIS B 424 -23.66 -18.84 28.76
C HIS B 424 -23.10 -17.45 29.06
N LEU B 425 -22.39 -16.84 28.12
CA LEU B 425 -21.69 -15.59 28.35
C LEU B 425 -22.20 -14.53 27.38
N SER B 426 -22.34 -13.31 27.87
CA SER B 426 -22.70 -12.16 27.05
C SER B 426 -21.85 -10.97 27.45
N TRP B 427 -21.53 -10.11 26.49
CA TRP B 427 -20.61 -9.00 26.73
C TRP B 427 -21.08 -7.77 25.97
N VAL B 428 -20.80 -6.60 26.55
CA VAL B 428 -21.08 -5.31 25.92
C VAL B 428 -19.81 -4.48 26.05
N GLY B 429 -19.08 -4.32 24.95
CA GLY B 429 -17.80 -3.66 25.01
C GLY B 429 -17.93 -2.16 25.15
N GLN B 430 -16.78 -1.51 25.26
CA GLN B 430 -16.76 -0.05 25.38
C GLN B 430 -16.98 0.60 24.02
N ASN B 431 -16.19 0.21 23.03
CA ASN B 431 -16.39 0.68 21.67
C ASN B 431 -17.28 -0.31 20.93
N PRO B 432 -18.30 0.14 20.22
CA PRO B 432 -19.19 -0.80 19.53
C PRO B 432 -18.60 -1.34 18.23
N GLN B 433 -18.50 -2.66 18.15
CA GLN B 433 -17.88 -3.34 17.03
C GLN B 433 -18.93 -4.27 16.42
N LEU B 434 -19.44 -3.88 15.25
CA LEU B 434 -20.49 -4.63 14.56
C LEU B 434 -19.89 -5.37 13.38
N PRO B 435 -19.72 -6.69 13.45
CA PRO B 435 -19.07 -7.44 12.38
C PRO B 435 -20.00 -7.99 11.31
N ALA B 436 -21.31 -7.84 11.43
CA ALA B 436 -22.21 -8.36 10.42
C ALA B 436 -22.44 -7.34 9.32
N ALA B 437 -22.96 -7.83 8.19
CA ALA B 437 -23.19 -6.96 7.04
C ALA B 437 -24.35 -6.00 7.28
N THR B 438 -25.46 -6.52 7.80
CA THR B 438 -26.69 -5.75 7.95
C THR B 438 -27.08 -5.63 9.41
N LEU B 439 -27.73 -4.51 9.73
CA LEU B 439 -28.14 -4.25 11.11
C LEU B 439 -29.11 -5.31 11.62
N ARG B 440 -29.78 -6.02 10.70
CA ARG B 440 -30.69 -7.08 11.10
C ARG B 440 -29.94 -8.31 11.57
N ASP B 441 -28.73 -8.54 11.05
CA ASP B 441 -27.99 -9.74 11.43
C ASP B 441 -27.05 -9.47 12.59
N ASN B 442 -26.72 -8.20 12.84
CA ASN B 442 -25.95 -7.84 14.03
C ASN B 442 -26.70 -8.21 15.30
N VAL B 443 -27.98 -7.88 15.35
CA VAL B 443 -28.79 -8.23 16.52
C VAL B 443 -28.90 -9.74 16.66
N LEU B 444 -29.14 -10.43 15.54
CA LEU B 444 -29.27 -11.88 15.54
C LEU B 444 -27.93 -12.60 15.46
N LEU B 445 -26.84 -11.93 15.84
CA LEU B 445 -25.52 -12.56 15.79
C LEU B 445 -25.46 -13.76 16.73
N ALA B 446 -26.16 -13.69 17.85
CA ALA B 446 -26.17 -14.80 18.80
C ALA B 446 -26.78 -16.04 18.16
N ARG B 447 -27.97 -15.90 17.59
CA ARG B 447 -28.58 -16.98 16.82
C ARG B 447 -29.26 -16.38 15.58
N PRO B 448 -28.83 -16.76 14.39
CA PRO B 448 -29.29 -16.10 13.16
C PRO B 448 -30.67 -16.55 12.67
N ASP B 449 -31.26 -17.57 13.29
CA ASP B 449 -32.57 -18.07 12.85
C ASP B 449 -33.67 -17.80 13.88
N ALA B 450 -33.47 -16.83 14.77
CA ALA B 450 -34.49 -16.52 15.77
C ALA B 450 -35.70 -15.90 15.10
N SER B 451 -36.87 -16.18 15.67
CA SER B 451 -38.13 -15.71 15.10
C SER B 451 -38.19 -14.18 15.09
N GLU B 452 -38.81 -13.63 14.04
CA GLU B 452 -38.92 -12.18 13.93
C GLU B 452 -39.74 -11.59 15.07
N GLN B 453 -40.74 -12.33 15.55
CA GLN B 453 -41.53 -11.86 16.68
C GLN B 453 -40.66 -11.70 17.93
N GLU B 454 -39.77 -12.66 18.17
CA GLU B 454 -38.83 -12.54 19.28
C GLU B 454 -37.84 -11.40 19.04
N LEU B 455 -37.41 -11.23 17.79
CA LEU B 455 -36.44 -10.17 17.48
C LEU B 455 -37.02 -8.79 17.80
N GLN B 456 -38.29 -8.56 17.46
CA GLN B 456 -38.91 -7.28 17.75
C GLN B 456 -38.97 -7.01 19.24
N ALA B 457 -39.16 -8.06 20.04
CA ALA B 457 -39.15 -7.89 21.49
C ALA B 457 -37.76 -7.58 22.01
N ALA B 458 -36.72 -7.98 21.26
CA ALA B 458 -35.36 -7.65 21.65
C ALA B 458 -34.94 -6.29 21.14
N LEU B 459 -35.51 -5.83 20.03
CA LEU B 459 -35.15 -4.53 19.48
C LEU B 459 -35.65 -3.40 20.38
N ASP B 460 -36.93 -3.44 20.77
CA ASP B 460 -37.48 -2.37 21.58
C ASP B 460 -36.94 -2.40 23.00
N ASN B 461 -36.50 -3.58 23.47
CA ASN B 461 -35.92 -3.66 24.81
C ASN B 461 -34.66 -2.81 24.91
N ALA B 462 -33.82 -2.83 23.88
CA ALA B 462 -32.62 -2.01 23.83
C ALA B 462 -32.88 -0.62 23.26
N TRP B 463 -34.11 -0.32 22.86
CA TRP B 463 -34.47 0.97 22.30
C TRP B 463 -33.64 1.29 21.05
N VAL B 464 -33.40 0.26 20.24
CA VAL B 464 -32.79 0.45 18.93
C VAL B 464 -33.84 0.81 17.88
N SER B 465 -35.12 0.59 18.18
CA SER B 465 -36.19 0.86 17.21
C SER B 465 -36.60 2.32 17.15
N GLU B 466 -36.21 3.14 18.12
CA GLU B 466 -36.65 4.53 18.12
C GLU B 466 -35.95 5.33 17.04
N PHE B 467 -34.70 4.96 16.70
CA PHE B 467 -33.98 5.60 15.60
C PHE B 467 -33.98 4.76 14.33
N LEU B 468 -34.80 3.71 14.28
CA LEU B 468 -34.97 2.97 13.03
C LEU B 468 -35.47 3.82 11.88
N PRO B 469 -36.51 4.67 12.01
CA PRO B 469 -36.96 5.45 10.85
C PRO B 469 -35.89 6.39 10.30
N LEU B 470 -35.00 6.90 11.14
CA LEU B 470 -33.94 7.78 10.66
C LEU B 470 -33.06 7.06 9.65
N LEU B 471 -32.80 5.77 9.87
CA LEU B 471 -32.02 4.99 8.92
C LEU B 471 -32.84 4.80 7.64
N PRO B 472 -32.17 4.77 6.47
CA PRO B 472 -32.93 4.70 5.21
C PRO B 472 -33.76 3.44 5.05
N GLN B 473 -33.14 2.26 5.17
CA GLN B 473 -33.81 1.00 4.85
C GLN B 473 -34.47 0.35 6.05
N GLY B 474 -34.39 0.95 7.23
CA GLY B 474 -35.08 0.39 8.38
C GLY B 474 -34.23 -0.64 9.10
N VAL B 475 -34.85 -1.78 9.42
CA VAL B 475 -34.14 -2.82 10.16
C VAL B 475 -32.97 -3.37 9.34
N ASP B 476 -33.20 -3.62 8.06
CA ASP B 476 -32.19 -4.22 7.20
C ASP B 476 -31.22 -3.18 6.64
N THR B 477 -31.13 -2.02 7.25
CA THR B 477 -30.22 -0.98 6.79
C THR B 477 -28.79 -1.52 6.81
N PRO B 478 -28.04 -1.40 5.71
CA PRO B 478 -26.63 -1.83 5.74
C PRO B 478 -25.85 -1.03 6.76
N VAL B 479 -24.97 -1.73 7.48
CA VAL B 479 -24.23 -1.14 8.58
C VAL B 479 -22.72 -1.24 8.36
N GLY B 480 -22.28 -1.45 7.13
CA GLY B 480 -20.86 -1.50 6.85
C GLY B 480 -20.19 -0.19 7.24
N ASP B 481 -18.92 -0.29 7.63
CA ASP B 481 -18.22 0.87 8.18
C ASP B 481 -18.06 2.00 7.18
N GLN B 482 -18.25 1.73 5.89
CA GLN B 482 -18.05 2.72 4.83
C GLN B 482 -19.40 3.20 4.32
N ALA B 483 -19.67 4.49 4.52
CA ALA B 483 -20.77 5.21 3.89
C ALA B 483 -22.16 4.77 4.36
N ALA B 484 -22.22 3.89 5.37
CA ALA B 484 -23.49 3.43 5.92
C ALA B 484 -23.49 3.41 7.44
N ARG B 485 -22.81 4.37 8.06
CA ARG B 485 -22.56 4.30 9.49
C ARG B 485 -23.77 4.75 10.30
N LEU B 486 -23.66 4.55 11.61
CA LEU B 486 -24.62 5.02 12.60
C LEU B 486 -23.89 5.90 13.60
N SER B 487 -24.64 6.57 14.46
CA SER B 487 -24.02 7.34 15.54
C SER B 487 -23.40 6.39 16.55
N VAL B 488 -22.40 6.91 17.29
CA VAL B 488 -21.73 6.10 18.30
C VAL B 488 -22.73 5.61 19.34
N GLY B 489 -23.66 6.48 19.74
CA GLY B 489 -24.73 6.07 20.63
C GLY B 489 -25.81 5.26 19.96
N GLN B 490 -25.79 5.17 18.63
CA GLN B 490 -26.72 4.34 17.87
C GLN B 490 -26.14 2.97 17.53
N ALA B 491 -24.86 2.91 17.18
CA ALA B 491 -24.19 1.64 16.97
C ALA B 491 -23.88 0.92 18.27
N GLN B 492 -24.05 1.59 19.41
CA GLN B 492 -23.90 0.95 20.72
C GLN B 492 -25.20 0.39 21.24
N ARG B 493 -26.34 1.05 20.95
CA ARG B 493 -27.64 0.52 21.32
C ARG B 493 -28.02 -0.71 20.52
N VAL B 494 -27.36 -0.96 19.40
CA VAL B 494 -27.57 -2.21 18.66
C VAL B 494 -26.62 -3.29 19.15
N ALA B 495 -25.50 -2.90 19.76
CA ALA B 495 -24.67 -3.88 20.46
C ALA B 495 -25.35 -4.38 21.73
N VAL B 496 -26.14 -3.52 22.39
CA VAL B 496 -26.89 -3.95 23.56
C VAL B 496 -27.95 -4.96 23.17
N ALA B 497 -28.67 -4.70 22.07
CA ALA B 497 -29.70 -5.63 21.62
C ALA B 497 -29.11 -6.98 21.28
N ARG B 498 -27.90 -6.99 20.71
CA ARG B 498 -27.23 -8.25 20.40
C ARG B 498 -26.93 -9.04 21.67
N ALA B 499 -26.56 -8.35 22.75
CA ALA B 499 -26.23 -9.03 23.99
C ALA B 499 -27.46 -9.60 24.69
N LEU B 500 -28.59 -8.90 24.62
CA LEU B 500 -29.79 -9.27 25.35
C LEU B 500 -30.72 -10.20 24.56
N LEU B 501 -30.39 -10.52 23.31
CA LEU B 501 -31.27 -11.37 22.53
C LEU B 501 -31.35 -12.78 23.12
N ASN B 502 -30.22 -13.33 23.56
CA ASN B 502 -30.16 -14.67 24.09
C ASN B 502 -29.84 -14.61 25.58
N PRO B 503 -30.66 -15.21 26.45
CA PRO B 503 -30.36 -15.14 27.89
C PRO B 503 -29.04 -15.81 28.23
N CYS B 504 -28.36 -15.26 29.23
CA CYS B 504 -27.02 -15.68 29.59
C CYS B 504 -26.93 -15.98 31.08
N SER B 505 -25.95 -16.79 31.44
CA SER B 505 -25.69 -17.07 32.84
C SER B 505 -24.83 -15.99 33.49
N LEU B 506 -23.79 -15.55 32.79
CA LEU B 506 -22.94 -14.46 33.24
C LEU B 506 -22.90 -13.39 32.15
N LEU B 507 -23.10 -12.13 32.55
CA LEU B 507 -23.11 -11.02 31.61
C LEU B 507 -22.05 -10.01 32.05
N LEU B 508 -21.15 -9.67 31.13
CA LEU B 508 -20.05 -8.77 31.42
C LEU B 508 -20.28 -7.44 30.69
N LEU B 509 -19.99 -6.34 31.39
CA LEU B 509 -20.13 -5.00 30.82
C LEU B 509 -18.79 -4.29 30.94
N ASP B 510 -18.26 -3.82 29.82
CA ASP B 510 -16.98 -3.13 29.79
C ASP B 510 -17.22 -1.68 29.36
N GLU B 511 -17.57 -0.84 30.33
CA GLU B 511 -17.78 0.59 30.10
C GLU B 511 -18.67 0.85 28.89
N PRO B 512 -19.94 0.45 28.94
CA PRO B 512 -20.83 0.66 27.78
C PRO B 512 -21.03 2.12 27.44
N ALA B 513 -21.18 2.98 28.44
CA ALA B 513 -21.50 4.39 28.22
C ALA B 513 -20.24 5.24 28.22
N ALA B 514 -19.45 5.08 27.17
CA ALA B 514 -18.21 5.84 26.99
C ALA B 514 -18.26 6.57 25.65
N SER B 515 -17.99 7.87 25.68
CA SER B 515 -17.97 8.72 24.48
C SER B 515 -19.30 8.63 23.73
N LEU B 516 -20.39 8.55 24.49
CA LEU B 516 -21.73 8.50 23.93
C LEU B 516 -22.44 9.81 24.21
N ASP B 517 -23.32 10.20 23.29
CA ASP B 517 -24.14 11.39 23.53
C ASP B 517 -25.06 11.17 24.72
N ALA B 518 -25.42 12.27 25.38
CA ALA B 518 -26.22 12.18 26.60
C ALA B 518 -27.59 11.54 26.32
N HIS B 519 -28.06 11.63 25.08
CA HIS B 519 -29.36 11.06 24.75
C HIS B 519 -29.31 9.53 24.77
N SER B 520 -28.29 8.94 24.15
CA SER B 520 -28.20 7.49 24.09
C SER B 520 -27.73 6.91 25.42
N GLU B 521 -26.81 7.60 26.10
CA GLU B 521 -26.30 7.11 27.38
C GLU B 521 -27.43 6.85 28.37
N GLN B 522 -28.48 7.68 28.33
CA GLN B 522 -29.64 7.44 29.19
C GLN B 522 -30.33 6.14 28.83
N ARG B 523 -30.47 5.86 27.54
CA ARG B 523 -31.22 4.67 27.11
C ARG B 523 -30.36 3.41 27.10
N VAL B 524 -29.05 3.55 26.96
CA VAL B 524 -28.18 2.38 27.08
C VAL B 524 -28.20 1.86 28.51
N MET B 525 -28.02 2.75 29.48
CA MET B 525 -27.85 2.32 30.86
C MET B 525 -29.11 1.68 31.43
N GLU B 526 -30.26 2.34 31.29
CA GLU B 526 -31.47 1.80 31.87
C GLU B 526 -31.97 0.59 31.10
N ALA B 527 -31.44 0.35 29.90
CA ALA B 527 -31.66 -0.92 29.24
C ALA B 527 -30.78 -2.00 29.85
N LEU B 528 -29.57 -1.63 30.28
CA LEU B 528 -28.66 -2.55 30.93
C LEU B 528 -28.91 -2.66 32.43
N ASN B 529 -29.29 -1.55 33.09
CA ASN B 529 -29.57 -1.59 34.51
C ASN B 529 -30.71 -2.54 34.87
N ALA B 530 -31.59 -2.83 33.91
CA ALA B 530 -32.61 -3.85 34.09
C ALA B 530 -32.17 -5.22 33.59
N ALA B 531 -31.12 -5.27 32.79
CA ALA B 531 -30.56 -6.52 32.28
C ALA B 531 -29.47 -7.09 33.16
N SER B 532 -29.08 -6.38 34.22
CA SER B 532 -28.02 -6.83 35.11
C SER B 532 -28.55 -7.53 36.35
N LEU B 533 -29.86 -7.77 36.43
CA LEU B 533 -30.45 -8.43 37.58
C LEU B 533 -30.80 -9.89 37.32
N ARG B 534 -31.10 -10.26 36.08
CA ARG B 534 -31.54 -11.62 35.79
C ARG B 534 -30.39 -12.62 35.97
N GLN B 535 -29.16 -12.17 35.75
CA GLN B 535 -27.99 -13.03 35.84
C GLN B 535 -26.85 -12.27 36.51
N THR B 536 -25.88 -13.03 37.01
CA THR B 536 -24.71 -12.42 37.62
C THR B 536 -24.01 -11.51 36.63
N THR B 537 -23.74 -10.28 37.04
CA THR B 537 -23.21 -9.24 36.17
C THR B 537 -21.97 -8.63 36.80
N LEU B 538 -20.94 -8.40 35.98
CA LEU B 538 -19.68 -7.82 36.44
C LEU B 538 -19.37 -6.66 35.50
N MET B 539 -19.63 -5.45 35.96
CA MET B 539 -19.50 -4.25 35.17
C MET B 539 -18.26 -3.45 35.58
N VAL B 540 -17.52 -2.96 34.59
CA VAL B 540 -16.48 -1.97 34.85
C VAL B 540 -16.96 -0.62 34.32
N THR B 541 -17.20 0.32 35.23
CA THR B 541 -17.77 1.62 34.87
C THR B 541 -16.74 2.71 35.17
N HIS B 542 -16.78 3.78 34.37
CA HIS B 542 -15.93 4.93 34.64
C HIS B 542 -16.61 5.91 35.59
N GLN B 543 -17.94 6.02 35.50
CA GLN B 543 -18.68 6.97 36.31
C GLN B 543 -19.03 6.34 37.66
N LEU B 544 -18.61 7.01 38.75
CA LEU B 544 -18.94 6.57 40.08
C LEU B 544 -20.37 6.88 40.48
N GLU B 545 -21.09 7.67 39.68
CA GLU B 545 -22.43 8.10 40.05
C GLU B 545 -23.41 6.94 39.98
N ASP B 546 -24.51 7.07 40.73
CA ASP B 546 -25.70 6.21 40.68
C ASP B 546 -25.37 4.72 40.66
N LEU B 547 -24.31 4.34 41.38
CA LEU B 547 -24.00 2.94 41.64
C LEU B 547 -24.56 2.45 42.96
N ALA B 548 -25.44 3.22 43.61
CA ALA B 548 -25.93 2.84 44.92
C ALA B 548 -26.69 1.51 44.89
N ASP B 549 -27.41 1.24 43.81
CA ASP B 549 -28.13 -0.02 43.67
C ASP B 549 -27.27 -1.07 42.96
N TRP B 550 -26.06 -1.27 43.46
CA TRP B 550 -25.15 -2.30 42.98
C TRP B 550 -24.65 -3.09 44.17
N ASP B 551 -24.76 -4.41 44.10
CA ASP B 551 -24.59 -5.24 45.29
C ASP B 551 -23.19 -5.11 45.87
N VAL B 552 -22.16 -5.16 45.03
CA VAL B 552 -20.78 -5.15 45.49
C VAL B 552 -19.96 -4.22 44.60
N ILE B 553 -19.02 -3.51 45.21
CA ILE B 553 -18.08 -2.66 44.49
C ILE B 553 -16.66 -3.14 44.81
N TRP B 554 -15.87 -3.35 43.77
CA TRP B 554 -14.45 -3.67 43.91
C TRP B 554 -13.63 -2.52 43.33
N VAL B 555 -12.70 -1.99 44.12
CA VAL B 555 -11.77 -0.98 43.63
C VAL B 555 -10.46 -1.66 43.29
N MET B 556 -9.98 -1.44 42.07
CA MET B 556 -8.80 -2.13 41.55
C MET B 556 -7.69 -1.12 41.31
N GLN B 557 -6.62 -1.20 42.11
CA GLN B 557 -5.45 -0.36 41.96
C GLN B 557 -4.25 -1.25 41.70
N ASP B 558 -3.56 -1.00 40.58
CA ASP B 558 -2.39 -1.77 40.18
C ASP B 558 -2.70 -3.27 40.15
N GLY B 559 -3.89 -3.60 39.63
CA GLY B 559 -4.31 -4.98 39.54
C GLY B 559 -4.55 -5.69 40.85
N ARG B 560 -5.17 -5.03 41.83
CA ARG B 560 -5.47 -5.65 43.11
C ARG B 560 -6.75 -5.07 43.66
N ILE B 561 -7.55 -5.92 44.30
CA ILE B 561 -8.80 -5.47 44.93
C ILE B 561 -8.48 -4.90 46.30
N ILE B 562 -8.43 -3.57 46.39
CA ILE B 562 -8.01 -2.93 47.64
C ILE B 562 -9.23 -2.53 48.48
N GLU B 563 -10.22 -1.90 47.86
CA GLU B 563 -11.40 -1.40 48.55
C GLU B 563 -12.61 -2.18 48.06
N GLN B 564 -13.02 -3.18 48.83
CA GLN B 564 -14.17 -4.02 48.50
C GLN B 564 -15.31 -3.64 49.43
N GLY B 565 -16.26 -2.88 48.90
CA GLY B 565 -17.37 -2.39 49.72
C GLY B 565 -18.69 -2.38 49.01
N ARG B 566 -19.72 -1.82 49.66
CA ARG B 566 -21.06 -1.79 49.10
C ARG B 566 -21.55 -0.36 48.91
N TYR B 567 -20.68 0.51 48.39
CA TYR B 567 -20.95 1.95 48.26
C TYR B 567 -21.25 2.57 49.62
N ALA B 568 -20.52 2.13 50.63
CA ALA B 568 -20.70 2.64 51.99
C ALA B 568 -19.97 3.96 52.17
#